data_6P8I
#
_entry.id   6P8I
#
_cell.length_a   50.788
_cell.length_b   66.228
_cell.length_c   123.070
_cell.angle_alpha   90.000
_cell.angle_beta   99.180
_cell.angle_gamma   90.000
#
_symmetry.space_group_name_H-M   'P 1 21 1'
#
loop_
_entity.id
_entity.type
_entity.pdbx_description
1 polymer 'Cation-independent mannose-6-phosphate receptor'
2 branched alpha-D-mannopyranose-(1-3)-beta-D-mannopyranose-(1-4)-2-acetamido-2-deoxy-beta-D-glucopyranose-(1-4)-2-acetamido-2-deoxy-beta-D-glucopyranose
3 water water
#
_entity_poly.entity_id   1
_entity_poly.type   'polypeptide(L)'
_entity_poly.pdbx_seq_one_letter_code
;AAGSTQAQAAPFPELCSYTWEAVDTKNNVLYKINICGSVDIVQCGPSSAVCMHDLKTRTYHSVGDSVLRSATRSLLEFNT
TVSCDQQGTNHRVQSSIAFLCGKTLGTPEFVTATECVHYFEWRTTAACKKDIFKANKEVPCYVFDEELRKHDLNPLIKLS
GAYLVDDSDPDTSLFINVCRDIDTLRDPGSQLRACPPGTAACLVRGHQAFDVGQPRDGLKLVRKDRLVLSYVREEAGKLD
FCDGHSPAVTITFVCPSERREGTIPKLTAKSNCRYEIEWITEYACHRDYLESKTCSLSGEQQDVSIDLTPLAQSGGSSYI
SDGKEYLFYLNVCGETEIQFCNKKQAAVCQVKKSDTSQVKAAGRYHNQTLRYSDGDLTLIYFGGDECSSGFQRMSVINFE
CNKTAGNDGKGTPVFTGEVDCTYFFTWDTEYACVKEKEDLLCGATDGKKRYDLSALVRHAEPEQNWEAVDGSQTETEKKH
FFINICHRVLQEGKARGCPEDAAVCAVDKNGSKNLGKFISSPMKEKGNIQLSYSDGDDCGHGKKIKTNITLVCKPGDLES
APVLRTSGEGGCFYEFEWHTAAACVLSKTEGENCTVFDSQAGFSFDLSPLTKKNGAYKVETKKYDFYINVCGPVSVSPCQ
PDSGACQVAKSDEKTWNLGLSNAKLSYYDGMIQLNYRGGTPYNNERHTPRATLITFLCDRDAGVGFPEYQEEDNSTYNFR
WYTSYACPEEALVPL
;
_entity_poly.pdbx_strand_id   A
#
loop_
_chem_comp.id
_chem_comp.type
_chem_comp.name
_chem_comp.formula
BMA D-saccharide, beta linking beta-D-mannopyranose 'C6 H12 O6'
MAN D-saccharide, alpha linking alpha-D-mannopyranose 'C6 H12 O6'
NAG D-saccharide, beta linking 2-acetamido-2-deoxy-beta-D-glucopyranose 'C8 H15 N O6'
#
# COMPACT_ATOMS: atom_id res chain seq x y z
N ALA A 10 -24.08 -2.83 15.93
CA ALA A 10 -23.58 -1.52 15.55
C ALA A 10 -22.17 -1.23 16.10
N PRO A 11 -21.86 -1.64 17.35
CA PRO A 11 -20.43 -1.57 17.74
C PRO A 11 -19.69 -2.81 17.25
N PHE A 12 -19.40 -2.83 15.95
CA PHE A 12 -18.95 -4.04 15.30
C PHE A 12 -17.63 -4.52 15.88
N PRO A 13 -17.52 -5.79 16.25
CA PRO A 13 -16.28 -6.28 16.89
C PRO A 13 -15.03 -6.04 16.06
N GLU A 14 -15.05 -6.36 14.76
CA GLU A 14 -13.83 -6.28 13.95
C GLU A 14 -13.23 -4.88 13.92
N LEU A 15 -13.95 -3.88 14.40
CA LEU A 15 -13.42 -2.53 14.46
C LEU A 15 -13.02 -2.12 15.86
N CYS A 16 -13.36 -2.90 16.87
CA CYS A 16 -12.98 -2.54 18.22
C CYS A 16 -11.52 -2.92 18.48
N SER A 17 -10.99 -2.44 19.60
CA SER A 17 -9.59 -2.60 19.96
C SER A 17 -8.64 -1.84 19.05
N TYR A 18 -9.14 -0.89 18.25
CA TYR A 18 -8.28 0.00 17.51
C TYR A 18 -8.77 1.43 17.69
N THR A 19 -7.86 2.38 17.56
CA THR A 19 -8.18 3.80 17.55
C THR A 19 -7.95 4.28 16.12
N TRP A 20 -9.02 4.68 15.45
CA TRP A 20 -8.96 5.02 14.05
C TRP A 20 -8.77 6.53 13.88
N GLU A 21 -8.44 6.93 12.66
CA GLU A 21 -8.18 8.33 12.37
C GLU A 21 -8.81 8.73 11.05
N ALA A 22 -9.40 9.92 11.07
CA ALA A 22 -9.93 10.57 9.88
C ALA A 22 -9.51 12.03 9.97
N VAL A 23 -9.45 12.69 8.83
CA VAL A 23 -8.87 14.03 8.79
C VAL A 23 -9.78 14.98 8.03
N ASP A 24 -9.97 16.16 8.61
CA ASP A 24 -10.58 17.30 7.93
C ASP A 24 -9.47 17.95 7.12
N THR A 25 -9.32 17.52 5.86
CA THR A 25 -8.14 17.94 5.10
C THR A 25 -8.07 19.44 4.97
N LYS A 26 -9.20 20.14 5.03
CA LYS A 26 -9.17 21.58 4.75
C LYS A 26 -9.02 22.41 6.03
N ASN A 27 -9.91 22.22 7.00
CA ASN A 27 -9.77 22.97 8.24
C ASN A 27 -8.55 22.56 9.05
N ASN A 28 -7.77 21.58 8.60
CA ASN A 28 -6.56 21.14 9.30
C ASN A 28 -6.91 20.58 10.68
N VAL A 29 -7.63 19.45 10.66
CA VAL A 29 -8.11 18.81 11.88
C VAL A 29 -8.02 17.29 11.74
N LEU A 30 -7.71 16.63 12.87
CA LEU A 30 -7.50 15.19 12.93
C LEU A 30 -8.44 14.60 13.99
N TYR A 31 -9.26 13.62 13.60
CA TYR A 31 -10.18 12.98 14.52
C TYR A 31 -9.72 11.58 14.86
N LYS A 32 -9.80 11.23 16.13
CA LYS A 32 -9.48 9.89 16.61
C LYS A 32 -10.77 9.23 17.08
N ILE A 33 -11.03 8.04 16.55
CA ILE A 33 -12.31 7.36 16.76
C ILE A 33 -12.06 6.03 17.43
N ASN A 34 -12.88 5.71 18.42
CA ASN A 34 -12.84 4.42 19.10
C ASN A 34 -14.28 4.01 19.36
N ILE A 35 -14.78 3.02 18.62
CA ILE A 35 -16.20 2.73 18.67
C ILE A 35 -16.59 1.81 19.81
N CYS A 36 -15.63 1.21 20.53
CA CYS A 36 -15.96 0.38 21.69
C CYS A 36 -15.53 0.98 23.01
N GLY A 37 -14.26 1.29 23.16
CA GLY A 37 -13.78 1.93 24.36
C GLY A 37 -13.59 3.42 24.16
N SER A 38 -12.55 3.95 24.75
CA SER A 38 -12.21 5.35 24.62
C SER A 38 -10.79 5.50 24.09
N VAL A 39 -10.56 6.64 23.43
CA VAL A 39 -9.21 6.99 23.01
C VAL A 39 -8.30 7.05 24.24
N ASP A 40 -7.09 6.54 24.08
CA ASP A 40 -6.16 6.44 25.20
C ASP A 40 -5.62 7.80 25.64
N ILE A 41 -6.06 8.90 25.01
CA ILE A 41 -5.40 10.19 25.20
C ILE A 41 -5.84 10.86 26.50
N VAL A 42 -4.84 11.37 27.19
CA VAL A 42 -5.00 12.29 28.32
C VAL A 42 -5.94 13.44 27.98
N GLN A 43 -5.67 14.11 26.86
CA GLN A 43 -5.97 15.51 26.73
C GLN A 43 -7.43 15.76 26.38
N CYS A 44 -8.15 14.74 25.93
CA CYS A 44 -9.61 14.82 25.81
C CYS A 44 -10.26 13.86 26.79
N GLY A 45 -9.72 13.81 28.01
CA GLY A 45 -10.37 13.17 29.12
C GLY A 45 -10.65 11.69 28.89
N PRO A 46 -11.38 11.09 29.82
CA PRO A 46 -11.72 9.67 29.69
C PRO A 46 -13.00 9.47 28.89
N SER A 47 -13.20 8.24 28.48
CA SER A 47 -14.38 7.79 27.73
C SER A 47 -14.80 8.81 26.67
N SER A 48 -13.83 9.29 25.91
CA SER A 48 -14.09 10.03 24.66
C SER A 48 -14.04 9.04 23.51
N ALA A 49 -15.18 8.84 22.83
CA ALA A 49 -15.22 7.91 21.71
C ALA A 49 -14.76 8.55 20.41
N VAL A 50 -15.01 9.85 20.24
CA VAL A 50 -14.50 10.62 19.13
C VAL A 50 -13.79 11.83 19.72
N CYS A 51 -12.49 11.93 19.46
CA CYS A 51 -11.65 12.97 20.04
C CYS A 51 -11.16 13.86 18.90
N MET A 52 -11.75 15.04 18.80
CA MET A 52 -11.32 16.03 17.81
C MET A 52 -10.08 16.76 18.35
N HIS A 53 -9.24 17.22 17.43
CA HIS A 53 -8.11 18.01 17.88
C HIS A 53 -7.56 18.80 16.70
N ASP A 54 -6.80 19.84 17.01
CA ASP A 54 -6.53 20.87 16.03
C ASP A 54 -5.03 21.03 15.83
N LEU A 55 -4.61 21.08 14.55
CA LEU A 55 -3.19 21.23 14.22
C LEU A 55 -2.74 22.68 14.34
N LYS A 56 -3.65 23.61 14.11
CA LYS A 56 -3.50 24.97 14.60
C LYS A 56 -4.22 25.00 15.94
N THR A 57 -3.55 25.52 16.98
CA THR A 57 -4.00 25.34 18.37
C THR A 57 -3.88 23.89 18.77
N ARG A 58 -2.78 23.45 19.40
CA ARG A 58 -2.78 22.06 19.85
C ARG A 58 -3.83 21.94 20.94
N THR A 59 -5.08 21.76 20.52
CA THR A 59 -6.24 21.79 21.40
C THR A 59 -7.10 20.59 21.07
N TYR A 60 -7.26 19.69 22.04
CA TYR A 60 -7.89 18.39 21.82
C TYR A 60 -9.25 18.38 22.54
N HIS A 61 -10.33 18.64 21.78
CA HIS A 61 -11.69 18.69 22.33
C HIS A 61 -12.44 17.40 21.97
N SER A 62 -12.94 16.70 22.99
CA SER A 62 -13.77 15.52 22.74
C SER A 62 -15.10 15.91 22.11
N VAL A 63 -15.53 15.13 21.11
CA VAL A 63 -16.79 15.42 20.43
C VAL A 63 -17.60 14.14 20.25
N GLY A 64 -17.55 13.27 21.25
CA GLY A 64 -18.40 12.08 21.28
C GLY A 64 -17.98 11.17 22.41
N ASP A 65 -18.89 10.79 23.32
CA ASP A 65 -18.51 10.06 24.51
C ASP A 65 -18.92 8.59 24.42
N SER A 66 -18.08 7.71 24.95
CA SER A 66 -18.29 6.29 24.71
C SER A 66 -19.57 5.80 25.36
N VAL A 67 -19.95 6.38 26.49
CA VAL A 67 -21.15 5.91 27.19
C VAL A 67 -22.41 6.33 26.44
N LEU A 68 -22.45 7.59 25.98
CA LEU A 68 -23.63 8.15 25.33
C LEU A 68 -23.62 7.75 23.87
N ARG A 69 -24.01 6.50 23.62
CA ARG A 69 -23.88 5.90 22.31
C ARG A 69 -25.21 5.28 21.89
N SER A 70 -25.62 5.58 20.66
CA SER A 70 -26.90 5.15 20.13
C SER A 70 -26.75 4.89 18.64
N ALA A 71 -27.63 4.07 18.10
CA ALA A 71 -27.65 3.80 16.67
C ALA A 71 -29.04 4.10 16.10
N THR A 72 -29.06 4.47 14.82
CA THR A 72 -30.32 4.56 14.09
C THR A 72 -30.05 4.22 12.63
N ARG A 73 -30.64 3.13 12.17
CA ARG A 73 -30.34 2.56 10.85
C ARG A 73 -28.83 2.44 10.66
N SER A 74 -28.30 3.12 9.64
CA SER A 74 -26.90 2.97 9.28
C SER A 74 -25.97 3.82 10.14
N LEU A 75 -26.51 4.57 11.08
CA LEU A 75 -25.73 5.59 11.78
C LEU A 75 -25.43 5.15 13.20
N LEU A 76 -24.19 5.32 13.61
CA LEU A 76 -23.77 5.15 14.98
C LEU A 76 -23.48 6.54 15.54
N GLU A 77 -23.99 6.81 16.75
CA GLU A 77 -24.05 8.16 17.25
C GLU A 77 -23.37 8.21 18.60
N PHE A 78 -22.50 9.19 18.77
CA PHE A 78 -21.82 9.45 20.02
C PHE A 78 -22.17 10.88 20.42
N ASN A 79 -22.98 10.99 21.47
CA ASN A 79 -23.41 12.27 21.98
C ASN A 79 -22.47 12.72 23.09
N THR A 80 -22.49 14.02 23.36
CA THR A 80 -21.76 14.57 24.49
C THR A 80 -22.73 15.33 25.38
N THR A 81 -22.22 15.75 26.53
CA THR A 81 -22.97 16.58 27.46
C THR A 81 -22.65 18.05 27.32
N VAL A 82 -21.43 18.39 26.87
CA VAL A 82 -21.07 19.79 26.72
C VAL A 82 -21.92 20.43 25.62
N SER A 83 -22.12 21.74 25.75
CA SER A 83 -23.11 22.46 24.95
C SER A 83 -22.45 23.26 23.82
N CYS A 84 -23.24 23.51 22.77
CA CYS A 84 -22.76 24.28 21.63
C CYS A 84 -23.72 25.41 21.23
N ASP A 85 -24.95 25.06 20.86
CA ASP A 85 -25.95 26.05 20.44
C ASP A 85 -25.42 27.00 19.36
N ASN A 90 -29.95 22.79 18.32
CA ASN A 90 -28.55 22.44 18.32
C ASN A 90 -28.14 21.91 19.70
N HIS A 91 -27.65 22.82 20.54
CA HIS A 91 -27.53 22.65 21.99
C HIS A 91 -26.33 21.80 22.44
N ARG A 92 -26.14 20.57 21.98
CA ARG A 92 -24.97 19.77 22.42
C ARG A 92 -24.20 19.10 21.30
N VAL A 93 -22.89 18.97 21.55
CA VAL A 93 -21.96 18.48 20.55
C VAL A 93 -22.14 16.98 20.33
N GLN A 94 -22.08 16.54 19.08
CA GLN A 94 -22.44 15.19 18.69
C GLN A 94 -21.56 14.75 17.52
N SER A 95 -21.34 13.44 17.42
CA SER A 95 -20.63 12.85 16.29
C SER A 95 -21.39 11.63 15.79
N SER A 96 -21.49 11.51 14.47
CA SER A 96 -22.15 10.38 13.85
C SER A 96 -21.24 9.74 12.83
N ILE A 97 -21.33 8.41 12.72
CA ILE A 97 -20.67 7.66 11.67
C ILE A 97 -21.75 6.93 10.89
N ALA A 98 -21.81 7.17 9.58
CA ALA A 98 -22.69 6.46 8.67
C ALA A 98 -21.97 5.23 8.14
N PHE A 99 -22.55 4.04 8.35
CA PHE A 99 -21.90 2.79 8.00
C PHE A 99 -22.50 2.21 6.72
N LEU A 100 -21.63 1.81 5.80
CA LEU A 100 -21.99 1.09 4.58
C LEU A 100 -21.17 -0.20 4.53
N CYS A 101 -21.75 -1.23 3.93
CA CYS A 101 -21.02 -2.48 3.77
C CYS A 101 -19.90 -2.27 2.75
N GLY A 102 -18.73 -2.85 3.04
CA GLY A 102 -17.58 -2.71 2.16
C GLY A 102 -16.90 -4.04 1.89
N LYS A 103 -15.90 -3.98 1.01
CA LYS A 103 -15.14 -5.17 0.64
C LYS A 103 -13.92 -5.42 1.53
N THR A 104 -13.46 -4.41 2.27
CA THR A 104 -12.36 -4.55 3.22
C THR A 104 -12.74 -3.84 4.53
N LEU A 105 -11.81 -3.83 5.47
CA LEU A 105 -12.15 -3.25 6.78
C LEU A 105 -12.27 -1.74 6.72
N GLY A 106 -11.53 -1.10 5.81
CA GLY A 106 -11.74 0.30 5.52
C GLY A 106 -11.32 1.27 6.61
N THR A 107 -11.68 2.53 6.39
CA THR A 107 -11.30 3.61 7.29
C THR A 107 -12.44 4.61 7.29
N PRO A 108 -12.74 5.22 8.43
CA PRO A 108 -13.74 6.28 8.44
C PRO A 108 -13.20 7.54 7.76
N GLU A 109 -14.06 8.22 7.00
CA GLU A 109 -13.67 9.45 6.32
C GLU A 109 -14.51 10.61 6.83
N PHE A 110 -13.88 11.77 6.88
CA PHE A 110 -14.56 12.98 7.34
C PHE A 110 -15.56 13.45 6.28
N VAL A 111 -16.79 13.75 6.70
CA VAL A 111 -17.82 14.22 5.79
C VAL A 111 -17.98 15.73 5.93
N THR A 112 -18.49 16.17 7.08
CA THR A 112 -18.49 17.60 7.39
C THR A 112 -18.78 17.80 8.86
N ALA A 113 -18.49 19.01 9.34
CA ALA A 113 -18.74 19.37 10.72
C ALA A 113 -19.23 20.80 10.81
N THR A 114 -19.98 21.07 11.87
CA THR A 114 -20.32 22.40 12.36
C THR A 114 -19.75 22.54 13.77
N GLU A 115 -20.18 23.58 14.49
CA GLU A 115 -19.75 23.67 15.88
C GLU A 115 -20.54 22.73 16.78
N CYS A 116 -21.51 22.01 16.23
CA CYS A 116 -22.28 21.04 17.00
C CYS A 116 -22.07 19.61 16.51
N VAL A 117 -22.22 19.34 15.22
CA VAL A 117 -22.24 17.98 14.69
C VAL A 117 -20.94 17.68 13.96
N HIS A 118 -20.57 16.41 13.97
CA HIS A 118 -19.41 15.93 13.23
C HIS A 118 -19.80 14.62 12.57
N TYR A 119 -19.70 14.54 11.25
CA TYR A 119 -20.21 13.41 10.49
C TYR A 119 -19.08 12.68 9.78
N PHE A 120 -19.11 11.35 9.86
CA PHE A 120 -18.14 10.52 9.18
C PHE A 120 -18.88 9.44 8.41
N GLU A 121 -18.16 8.79 7.49
CA GLU A 121 -18.70 7.64 6.79
C GLU A 121 -17.61 6.59 6.70
N TRP A 122 -18.05 5.33 6.67
CA TRP A 122 -17.15 4.18 6.82
C TRP A 122 -17.72 3.03 6.00
N ARG A 123 -17.07 2.71 4.90
CA ARG A 123 -17.37 1.50 4.15
C ARG A 123 -16.51 0.38 4.69
N THR A 124 -17.14 -0.62 5.32
CA THR A 124 -16.39 -1.68 5.94
C THR A 124 -17.15 -3.00 5.85
N THR A 125 -16.38 -4.09 5.81
CA THR A 125 -16.93 -5.42 5.93
C THR A 125 -17.67 -5.61 7.24
N ALA A 126 -17.33 -4.81 8.25
CA ALA A 126 -17.94 -4.98 9.56
C ALA A 126 -19.43 -4.69 9.56
N ALA A 127 -19.90 -3.84 8.64
CA ALA A 127 -21.33 -3.51 8.54
C ALA A 127 -22.05 -4.39 7.53
N CYS A 128 -21.38 -5.40 6.96
CA CYS A 128 -22.11 -6.34 6.14
C CYS A 128 -22.86 -7.32 7.04
N LYS A 129 -24.00 -7.78 6.55
CA LYS A 129 -24.85 -8.60 7.41
C LYS A 129 -24.49 -10.07 7.29
N LYS A 130 -24.14 -10.52 6.09
CA LYS A 130 -23.61 -11.87 5.89
C LYS A 130 -22.12 -11.89 6.19
N ASP A 131 -21.66 -12.98 6.79
CA ASP A 131 -20.28 -13.11 7.21
C ASP A 131 -19.40 -13.76 6.14
N ILE A 132 -19.90 -13.94 4.92
CA ILE A 132 -19.01 -14.46 3.88
C ILE A 132 -17.99 -13.41 3.46
N PHE A 133 -18.37 -12.15 3.55
CA PHE A 133 -17.50 -11.07 3.11
C PHE A 133 -16.44 -10.72 4.15
N LYS A 134 -16.47 -11.36 5.31
CA LYS A 134 -15.58 -11.03 6.41
C LYS A 134 -14.34 -11.92 6.39
N ALA A 135 -13.18 -11.29 6.54
CA ALA A 135 -11.94 -12.03 6.66
C ALA A 135 -11.85 -12.67 8.03
N ASN A 136 -11.18 -13.82 8.10
CA ASN A 136 -10.95 -14.41 9.41
C ASN A 136 -10.28 -13.42 10.34
N LYS A 137 -9.38 -12.60 9.80
CA LYS A 137 -8.73 -11.57 10.59
C LYS A 137 -8.20 -10.51 9.63
N GLU A 138 -8.59 -9.26 9.87
CA GLU A 138 -8.10 -8.13 9.13
C GLU A 138 -7.67 -7.04 10.10
N VAL A 139 -6.74 -6.20 9.66
CA VAL A 139 -6.17 -5.16 10.52
C VAL A 139 -6.25 -3.86 9.76
N PRO A 140 -6.22 -2.72 10.46
CA PRO A 140 -6.17 -1.44 9.76
C PRO A 140 -4.97 -1.37 8.82
N CYS A 141 -5.20 -0.79 7.66
CA CYS A 141 -4.32 -0.87 6.51
C CYS A 141 -4.00 0.54 5.99
N TYR A 142 -3.73 1.46 6.90
CA TYR A 142 -3.51 2.85 6.53
C TYR A 142 -2.61 3.46 7.59
N VAL A 143 -1.99 4.59 7.24
CA VAL A 143 -1.30 5.44 8.21
C VAL A 143 -1.48 6.89 7.78
N PHE A 144 -1.24 7.79 8.73
CA PHE A 144 -1.07 9.21 8.43
C PHE A 144 0.38 9.60 8.68
N ASP A 145 0.99 10.28 7.71
CA ASP A 145 2.32 10.81 7.94
C ASP A 145 2.22 12.14 8.69
N GLU A 146 3.38 12.77 8.91
CA GLU A 146 3.43 13.97 9.73
C GLU A 146 2.95 15.22 8.99
N GLU A 147 2.66 15.13 7.69
CA GLU A 147 1.87 16.16 7.02
C GLU A 147 0.39 15.82 6.94
N LEU A 148 -0.03 14.71 7.56
CA LEU A 148 -1.41 14.21 7.51
C LEU A 148 -1.88 14.05 6.07
N ARG A 149 -1.25 13.11 5.36
CA ARG A 149 -1.51 12.93 3.94
C ARG A 149 -2.20 11.62 3.57
N LYS A 150 -2.17 10.61 4.45
CA LYS A 150 -2.85 9.32 4.28
C LYS A 150 -2.13 8.38 3.30
N HIS A 151 -1.60 7.29 3.83
CA HIS A 151 -1.12 6.16 3.04
C HIS A 151 -2.02 4.98 3.36
N ASP A 152 -2.64 4.40 2.33
CA ASP A 152 -3.71 3.42 2.49
C ASP A 152 -3.47 2.28 1.52
N LEU A 153 -3.33 1.07 2.03
CA LEU A 153 -3.06 -0.10 1.21
C LEU A 153 -4.28 -0.97 1.00
N ASN A 154 -5.47 -0.44 1.31
CA ASN A 154 -6.72 -1.17 1.11
C ASN A 154 -6.91 -1.66 -0.32
N PRO A 155 -6.48 -0.94 -1.36
CA PRO A 155 -6.62 -1.50 -2.72
C PRO A 155 -5.73 -2.69 -3.00
N LEU A 156 -4.64 -2.91 -2.25
CA LEU A 156 -3.81 -4.10 -2.45
C LEU A 156 -4.41 -5.35 -1.84
N ILE A 157 -5.43 -5.20 -0.99
CA ILE A 157 -5.99 -6.33 -0.27
C ILE A 157 -6.71 -7.24 -1.25
N LYS A 158 -6.34 -8.51 -1.26
CA LYS A 158 -6.99 -9.50 -2.13
C LYS A 158 -8.14 -10.18 -1.39
N LEU A 159 -9.30 -10.20 -2.03
CA LEU A 159 -10.43 -10.91 -1.45
C LEU A 159 -10.32 -12.41 -1.68
N SER A 160 -9.70 -12.80 -2.78
CA SER A 160 -9.44 -14.20 -3.11
C SER A 160 -8.00 -14.31 -3.61
N GLY A 161 -7.31 -15.35 -3.17
CA GLY A 161 -5.96 -15.57 -3.64
C GLY A 161 -4.89 -14.81 -2.87
N ALA A 162 -3.69 -14.74 -3.46
CA ALA A 162 -2.54 -14.17 -2.78
C ALA A 162 -1.53 -13.68 -3.81
N TYR A 163 -0.49 -13.03 -3.31
CA TYR A 163 0.62 -12.58 -4.14
C TYR A 163 1.81 -13.50 -3.93
N LEU A 164 2.34 -14.05 -5.02
CA LEU A 164 3.59 -14.79 -4.96
C LEU A 164 4.75 -13.81 -4.75
N VAL A 165 5.58 -14.06 -3.73
CA VAL A 165 6.74 -13.21 -3.48
C VAL A 165 7.93 -13.69 -4.31
N ASP A 166 8.65 -12.76 -4.92
CA ASP A 166 9.79 -13.13 -5.76
C ASP A 166 10.97 -13.65 -4.93
N ASP A 167 11.42 -14.85 -5.26
CA ASP A 167 12.50 -15.52 -4.56
C ASP A 167 13.21 -16.40 -5.57
N SER A 168 14.49 -16.68 -5.35
CA SER A 168 15.23 -17.46 -6.34
C SER A 168 15.01 -18.96 -6.22
N ASP A 169 14.46 -19.45 -5.11
CA ASP A 169 14.38 -20.88 -4.87
C ASP A 169 13.24 -21.49 -5.66
N PRO A 170 13.51 -22.47 -6.54
CA PRO A 170 12.42 -23.05 -7.34
C PRO A 170 11.49 -23.97 -6.55
N ASP A 171 11.95 -24.57 -5.45
CA ASP A 171 11.18 -25.60 -4.76
C ASP A 171 10.16 -25.05 -3.77
N THR A 172 10.28 -23.79 -3.37
CA THR A 172 9.41 -23.22 -2.36
C THR A 172 8.86 -21.88 -2.86
N SER A 173 7.68 -21.53 -2.37
CA SER A 173 7.04 -20.27 -2.73
C SER A 173 6.39 -19.66 -1.51
N LEU A 174 6.65 -18.37 -1.30
CA LEU A 174 5.96 -17.60 -0.29
C LEU A 174 4.79 -16.84 -0.92
N PHE A 175 3.59 -17.02 -0.35
CA PHE A 175 2.42 -16.24 -0.75
C PHE A 175 1.93 -15.37 0.41
N ILE A 176 1.60 -14.13 0.10
CA ILE A 176 1.11 -13.23 1.13
C ILE A 176 -0.16 -12.57 0.64
N ASN A 177 -0.92 -12.07 1.62
CA ASN A 177 -1.98 -11.10 1.39
C ASN A 177 -1.71 -9.89 2.27
N VAL A 178 -2.37 -8.79 1.98
CA VAL A 178 -2.09 -7.52 2.63
C VAL A 178 -3.18 -7.25 3.65
N CYS A 179 -2.79 -7.18 4.93
CA CYS A 179 -3.60 -6.74 6.06
C CYS A 179 -4.71 -7.73 6.43
N ARG A 180 -4.76 -8.91 5.81
CA ARG A 180 -5.71 -9.94 6.19
C ARG A 180 -5.17 -11.30 5.74
N ASP A 181 -5.84 -12.35 6.21
CA ASP A 181 -5.53 -13.71 5.81
C ASP A 181 -5.85 -13.93 4.33
N ILE A 182 -5.48 -15.10 3.85
CA ILE A 182 -5.68 -15.50 2.46
C ILE A 182 -6.98 -16.28 2.36
N ASP A 183 -7.83 -15.89 1.42
CA ASP A 183 -9.08 -16.62 1.16
C ASP A 183 -8.77 -17.66 0.10
N THR A 184 -8.75 -18.93 0.52
CA THR A 184 -8.44 -20.08 -0.32
C THR A 184 -9.67 -20.73 -0.94
N LEU A 185 -10.86 -20.17 -0.70
CA LEU A 185 -12.12 -20.83 -1.03
C LEU A 185 -12.62 -20.44 -2.42
N ARG A 186 -13.46 -21.32 -2.97
CA ARG A 186 -13.97 -21.20 -4.33
C ARG A 186 -12.83 -21.05 -5.33
N ASP A 187 -11.77 -21.82 -5.09
CA ASP A 187 -10.66 -22.03 -6.02
C ASP A 187 -9.91 -23.28 -5.58
N PRO A 188 -10.50 -24.45 -5.79
CA PRO A 188 -9.88 -25.69 -5.28
C PRO A 188 -8.66 -26.12 -6.08
N GLY A 189 -8.61 -25.81 -7.38
CA GLY A 189 -7.43 -26.12 -8.17
C GLY A 189 -6.19 -25.34 -7.76
N SER A 190 -6.37 -24.19 -7.11
CA SER A 190 -5.25 -23.37 -6.66
C SER A 190 -4.28 -24.20 -5.83
N GLN A 191 -3.01 -23.82 -5.90
CA GLN A 191 -2.02 -24.43 -5.03
C GLN A 191 -2.09 -23.91 -3.60
N LEU A 192 -2.83 -22.81 -3.38
CA LEU A 192 -2.99 -22.26 -2.04
C LEU A 192 -3.95 -23.06 -1.19
N ARG A 193 -4.69 -23.98 -1.78
CA ARG A 193 -5.78 -24.64 -1.10
C ARG A 193 -5.34 -25.33 0.19
N ALA A 194 -4.17 -25.95 0.17
CA ALA A 194 -3.64 -26.66 1.33
C ALA A 194 -3.24 -25.73 2.47
N CYS A 195 -3.43 -24.43 2.32
CA CYS A 195 -2.92 -23.53 3.35
C CYS A 195 -3.90 -23.42 4.51
N PRO A 196 -3.44 -23.64 5.74
CA PRO A 196 -4.36 -23.61 6.86
C PRO A 196 -5.08 -22.27 6.94
N PRO A 197 -6.33 -22.27 7.41
CA PRO A 197 -7.09 -21.02 7.46
C PRO A 197 -6.55 -20.05 8.49
N GLY A 198 -6.71 -18.76 8.20
CA GLY A 198 -6.19 -17.70 9.04
C GLY A 198 -4.81 -17.21 8.67
N THR A 199 -4.22 -17.71 7.59
CA THR A 199 -2.85 -17.41 7.25
C THR A 199 -2.79 -16.20 6.33
N ALA A 200 -2.02 -15.19 6.73
CA ALA A 200 -1.70 -14.11 5.83
C ALA A 200 -0.45 -14.39 4.99
N ALA A 201 0.33 -15.41 5.33
CA ALA A 201 1.64 -15.63 4.71
C ALA A 201 1.90 -17.13 4.66
N CYS A 202 1.81 -17.70 3.47
CA CYS A 202 1.74 -19.14 3.29
C CYS A 202 2.98 -19.63 2.56
N LEU A 203 3.74 -20.50 3.22
CA LEU A 203 4.89 -21.15 2.62
C LEU A 203 4.47 -22.50 2.06
N VAL A 204 4.79 -22.76 0.79
CA VAL A 204 4.52 -24.06 0.20
C VAL A 204 5.84 -24.68 -0.23
N ARG A 205 6.00 -25.96 0.08
CA ARG A 205 7.12 -26.77 -0.41
C ARG A 205 6.48 -27.94 -1.16
N GLY A 206 6.38 -27.81 -2.48
CA GLY A 206 5.76 -28.86 -3.28
C GLY A 206 4.30 -29.07 -2.96
N HIS A 207 4.02 -29.85 -1.91
CA HIS A 207 2.65 -30.21 -1.54
C HIS A 207 2.59 -30.34 -0.01
N GLN A 208 2.59 -29.20 0.68
CA GLN A 208 2.47 -29.23 2.14
C GLN A 208 1.79 -27.99 2.74
N ALA A 209 2.28 -26.79 2.41
CA ALA A 209 1.70 -25.52 2.84
C ALA A 209 1.76 -25.29 4.35
N PHE A 210 2.51 -24.27 4.76
CA PHE A 210 2.70 -23.94 6.17
C PHE A 210 2.31 -22.51 6.42
N ASP A 211 1.84 -22.26 7.63
CA ASP A 211 1.46 -20.92 8.08
C ASP A 211 2.70 -20.28 8.70
N VAL A 212 3.23 -19.23 8.07
CA VAL A 212 4.39 -18.53 8.61
C VAL A 212 4.04 -17.11 9.04
N GLY A 213 2.76 -16.77 9.09
CA GLY A 213 2.36 -15.47 9.60
C GLY A 213 0.86 -15.21 9.60
N GLN A 214 0.38 -14.54 10.64
CA GLN A 214 -1.03 -14.19 10.74
C GLN A 214 -1.17 -12.72 11.08
N PRO A 215 -2.25 -12.07 10.60
CA PRO A 215 -2.44 -10.65 10.90
C PRO A 215 -2.49 -10.44 12.41
N ARG A 216 -1.91 -9.34 12.85
CA ARG A 216 -1.78 -9.04 14.27
C ARG A 216 -2.12 -7.57 14.51
N ASP A 217 -1.18 -6.68 14.27
CA ASP A 217 -1.38 -5.24 14.39
C ASP A 217 -1.51 -4.61 13.00
N GLY A 218 -1.94 -3.36 13.01
CA GLY A 218 -2.11 -2.63 11.78
C GLY A 218 -0.83 -2.06 11.24
N LEU A 219 -0.94 -1.51 10.03
CA LEU A 219 0.15 -0.86 9.33
C LEU A 219 0.81 0.22 10.19
N LYS A 220 2.15 0.22 10.21
CA LYS A 220 2.93 1.21 10.93
C LYS A 220 3.67 2.10 9.95
N LEU A 221 3.99 3.31 10.38
CA LEU A 221 4.91 4.17 9.66
C LEU A 221 6.16 4.33 10.53
N VAL A 222 7.31 3.93 10.00
CA VAL A 222 8.50 3.75 10.82
C VAL A 222 9.49 4.90 10.66
N ARG A 223 9.75 5.36 9.44
CA ARG A 223 10.77 6.39 9.27
C ARG A 223 10.39 7.35 8.15
N LYS A 224 9.27 8.05 8.34
CA LYS A 224 8.78 9.21 7.59
C LYS A 224 8.20 8.84 6.23
N ASP A 225 8.32 7.59 5.77
CA ASP A 225 7.97 7.30 4.38
C ASP A 225 7.67 5.83 4.14
N ARG A 226 8.26 4.96 4.95
CA ARG A 226 8.14 3.52 4.77
C ARG A 226 6.98 2.97 5.62
N LEU A 227 6.14 2.15 5.00
CA LEU A 227 5.06 1.47 5.69
C LEU A 227 5.52 0.06 6.02
N VAL A 228 5.33 -0.35 7.27
CA VAL A 228 5.76 -1.66 7.73
C VAL A 228 4.55 -2.41 8.29
N LEU A 229 4.42 -3.67 7.89
CA LEU A 229 3.41 -4.58 8.38
C LEU A 229 4.09 -5.84 8.89
N SER A 230 3.64 -6.35 10.03
CA SER A 230 4.26 -7.52 10.65
C SER A 230 3.21 -8.60 10.81
N TYR A 231 3.50 -9.77 10.27
CA TYR A 231 2.76 -10.99 10.56
C TYR A 231 3.58 -11.83 11.53
N VAL A 232 2.90 -12.54 12.40
CA VAL A 232 3.53 -13.36 13.44
C VAL A 232 2.72 -14.64 13.53
N ARG A 233 3.27 -15.62 14.24
CA ARG A 233 2.52 -16.86 14.41
C ARG A 233 2.40 -17.18 15.89
N GLU A 234 3.54 -17.26 16.58
CA GLU A 234 3.55 -17.40 18.04
C GLU A 234 2.88 -18.70 18.50
N GLU A 235 1.56 -18.61 18.69
CA GLU A 235 0.75 -19.72 19.18
C GLU A 235 0.58 -20.74 18.06
N ALA A 236 1.59 -21.58 17.90
CA ALA A 236 1.57 -22.68 16.94
C ALA A 236 2.39 -23.83 17.49
N GLY A 237 3.65 -23.55 17.81
CA GLY A 237 4.52 -24.55 18.37
C GLY A 237 5.59 -25.05 17.43
N LYS A 238 5.17 -25.70 16.34
CA LYS A 238 6.01 -26.63 15.58
C LYS A 238 7.04 -25.86 14.78
N LEU A 239 8.23 -25.69 15.34
CA LEU A 239 9.33 -25.05 14.62
C LEU A 239 10.04 -26.02 13.69
N ASP A 240 9.27 -26.86 12.99
CA ASP A 240 9.71 -27.97 12.15
C ASP A 240 11.09 -27.76 11.53
N PHE A 241 11.17 -26.80 10.62
CA PHE A 241 12.40 -26.48 9.90
C PHE A 241 12.85 -25.06 10.19
N CYS A 242 12.30 -24.42 11.23
CA CYS A 242 12.67 -23.08 11.64
C CYS A 242 13.54 -23.11 12.88
N ASP A 243 14.00 -24.30 13.27
CA ASP A 243 14.91 -24.56 14.37
C ASP A 243 14.85 -23.52 15.49
N GLY A 244 13.75 -23.53 16.23
CA GLY A 244 13.64 -22.73 17.43
C GLY A 244 13.06 -21.36 17.23
N HIS A 245 13.00 -20.86 16.00
CA HIS A 245 12.53 -19.50 15.77
C HIS A 245 11.03 -19.48 15.57
N SER A 246 10.39 -18.45 16.08
CA SER A 246 8.97 -18.21 15.80
C SER A 246 8.84 -17.64 14.39
N PRO A 247 8.10 -18.31 13.49
CA PRO A 247 7.97 -17.78 12.13
C PRO A 247 7.39 -16.37 12.12
N ALA A 248 7.80 -15.58 11.13
CA ALA A 248 7.38 -14.19 11.06
C ALA A 248 7.65 -13.64 9.66
N VAL A 249 6.85 -12.65 9.29
CA VAL A 249 6.98 -11.96 8.01
C VAL A 249 6.84 -10.47 8.27
N THR A 250 7.80 -9.70 7.77
CA THR A 250 7.83 -8.24 7.90
C THR A 250 7.91 -7.65 6.50
N ILE A 251 6.80 -7.12 6.04
CA ILE A 251 6.70 -6.45 4.74
C ILE A 251 7.01 -4.97 4.94
N THR A 252 7.76 -4.40 4.00
CA THR A 252 8.10 -2.99 3.98
C THR A 252 7.59 -2.42 2.66
N PHE A 253 6.68 -1.47 2.72
CA PHE A 253 6.07 -0.92 1.52
C PHE A 253 6.70 0.44 1.24
N VAL A 254 7.13 0.64 0.01
CA VAL A 254 7.81 1.87 -0.38
C VAL A 254 7.15 2.46 -1.60
N CYS A 255 7.07 3.74 -1.64
CA CYS A 255 6.43 4.51 -2.70
C CYS A 255 7.44 4.77 -3.81
N PRO A 256 7.10 4.43 -5.06
CA PRO A 256 8.09 4.51 -6.14
C PRO A 256 8.65 5.91 -6.34
N SER A 257 9.84 5.94 -6.93
CA SER A 257 10.61 7.16 -7.15
C SER A 257 11.14 7.10 -8.57
N GLU A 258 12.09 7.98 -8.89
CA GLU A 258 13.06 7.66 -9.91
C GLU A 258 14.38 7.23 -9.29
N ARG A 259 14.46 7.28 -7.96
CA ARG A 259 15.52 6.61 -7.21
C ARG A 259 15.29 5.11 -7.18
N ARG A 260 14.04 4.69 -6.97
CA ARG A 260 13.63 3.29 -6.79
C ARG A 260 12.27 3.12 -7.47
N GLU A 261 12.26 2.49 -8.63
CA GLU A 261 10.99 2.32 -9.33
C GLU A 261 10.27 1.07 -8.84
N GLY A 262 9.05 0.87 -9.35
CA GLY A 262 8.19 -0.17 -8.84
C GLY A 262 8.75 -1.56 -9.03
N THR A 263 8.22 -2.49 -8.22
CA THR A 263 8.67 -3.87 -8.17
C THR A 263 7.49 -4.74 -7.78
N ILE A 264 7.66 -6.05 -7.92
CA ILE A 264 6.77 -7.02 -7.30
C ILE A 264 7.25 -7.18 -5.86
N PRO A 265 6.54 -7.90 -4.99
CA PRO A 265 7.08 -8.11 -3.63
C PRO A 265 8.27 -9.06 -3.66
N LYS A 266 9.39 -8.64 -3.06
CA LYS A 266 10.67 -9.35 -3.19
C LYS A 266 11.15 -9.83 -1.83
N LEU A 267 11.57 -11.08 -1.77
CA LEU A 267 12.05 -11.67 -0.52
C LEU A 267 13.52 -11.29 -0.33
N THR A 268 13.79 -10.37 0.59
CA THR A 268 15.14 -9.92 0.86
C THR A 268 15.83 -10.71 1.97
N ALA A 269 15.13 -11.63 2.62
CA ALA A 269 15.69 -12.39 3.73
C ALA A 269 14.72 -13.48 4.13
N LYS A 270 15.25 -14.64 4.50
CA LYS A 270 14.39 -15.79 4.75
C LYS A 270 15.07 -16.85 5.61
N SER A 271 16.01 -16.46 6.46
CA SER A 271 16.62 -17.41 7.36
C SER A 271 15.76 -17.56 8.61
N ASN A 272 15.68 -18.79 9.10
CA ASN A 272 15.05 -19.08 10.39
C ASN A 272 13.56 -18.76 10.37
N CYS A 273 12.94 -18.84 9.19
CA CYS A 273 11.54 -18.48 9.00
C CYS A 273 11.24 -17.09 9.58
N ARG A 274 12.18 -16.17 9.43
CA ARG A 274 11.98 -14.75 9.70
C ARG A 274 12.07 -14.05 8.36
N TYR A 275 10.94 -13.99 7.64
CA TYR A 275 10.97 -13.53 6.26
C TYR A 275 10.85 -12.01 6.18
N GLU A 276 11.66 -11.41 5.31
CA GLU A 276 11.62 -9.97 5.09
C GLU A 276 11.26 -9.70 3.63
N ILE A 277 10.41 -8.70 3.42
CA ILE A 277 9.85 -8.42 2.10
C ILE A 277 9.87 -6.91 1.87
N GLU A 278 10.55 -6.49 0.81
CA GLU A 278 10.39 -5.13 0.32
C GLU A 278 9.47 -5.14 -0.90
N TRP A 279 8.62 -4.12 -1.01
CA TRP A 279 7.59 -4.05 -2.06
C TRP A 279 7.39 -2.58 -2.41
N ILE A 280 7.90 -2.17 -3.56
CA ILE A 280 7.77 -0.79 -4.03
C ILE A 280 6.56 -0.71 -4.94
N THR A 281 5.54 0.04 -4.51
CA THR A 281 4.29 0.10 -5.26
C THR A 281 3.62 1.46 -5.06
N GLU A 282 2.89 1.90 -6.09
CA GLU A 282 2.27 3.22 -6.06
C GLU A 282 1.24 3.35 -4.94
N TYR A 283 0.60 2.25 -4.55
CA TYR A 283 -0.40 2.28 -3.50
C TYR A 283 0.18 2.68 -2.14
N ALA A 284 1.50 2.76 -2.00
CA ALA A 284 2.10 3.26 -0.77
C ALA A 284 2.21 4.77 -0.72
N CYS A 285 2.05 5.46 -1.85
CA CYS A 285 2.15 6.91 -1.85
C CYS A 285 0.88 7.56 -1.27
N HIS A 286 0.98 8.84 -0.93
CA HIS A 286 -0.11 9.54 -0.26
C HIS A 286 -1.37 9.56 -1.14
N ARG A 287 -2.52 9.45 -0.49
CA ARG A 287 -3.80 9.52 -1.18
C ARG A 287 -4.29 10.97 -1.16
N ASP A 288 -4.69 11.47 -2.33
CA ASP A 288 -5.11 12.85 -2.47
C ASP A 288 -6.61 12.97 -2.19
N TYR A 289 -6.98 14.05 -1.53
CA TYR A 289 -8.36 14.29 -1.10
C TYR A 289 -8.94 15.38 -1.99
N LEU A 290 -9.75 14.97 -2.97
CA LEU A 290 -10.29 15.88 -3.96
C LEU A 290 -11.62 16.47 -3.50
N GLU A 291 -12.00 17.57 -4.14
CA GLU A 291 -13.15 18.35 -3.71
C GLU A 291 -13.53 19.28 -4.84
N SER A 292 -14.77 19.76 -4.80
CA SER A 292 -15.28 20.69 -5.79
C SER A 292 -16.69 21.09 -5.39
N LYS A 293 -17.20 22.11 -6.07
CA LYS A 293 -18.57 22.57 -5.93
C LYS A 293 -19.35 22.17 -7.19
N THR A 294 -19.01 21.01 -7.72
CA THR A 294 -19.40 20.55 -9.04
C THR A 294 -20.12 19.21 -8.95
N CYS A 295 -20.40 18.63 -10.11
CA CYS A 295 -20.68 17.21 -10.26
C CYS A 295 -19.56 16.52 -11.03
N SER A 296 -18.34 17.07 -10.94
CA SER A 296 -17.19 16.54 -11.66
C SER A 296 -15.93 16.80 -10.84
N LEU A 297 -14.99 15.85 -10.88
CA LEU A 297 -13.73 15.98 -10.17
C LEU A 297 -12.57 15.58 -11.09
N SER A 298 -11.46 16.32 -10.98
CA SER A 298 -10.30 16.17 -11.87
C SER A 298 -10.71 16.22 -13.34
N ASP A 303 -5.11 12.44 -9.94
CA ASP A 303 -4.77 11.24 -10.71
C ASP A 303 -5.69 11.10 -11.94
N VAL A 304 -6.98 10.86 -11.71
CA VAL A 304 -7.93 10.52 -12.78
C VAL A 304 -9.27 11.23 -12.54
N SER A 305 -10.11 11.21 -13.58
CA SER A 305 -11.35 11.98 -13.70
C SER A 305 -12.53 11.25 -13.04
N ILE A 306 -13.67 11.96 -12.96
CA ILE A 306 -14.95 11.37 -12.59
C ILE A 306 -16.07 12.38 -12.85
N ASP A 307 -17.16 11.90 -13.46
CA ASP A 307 -18.27 12.75 -13.89
C ASP A 307 -19.58 12.17 -13.40
N LEU A 308 -20.37 12.97 -12.66
CA LEU A 308 -21.65 12.53 -12.13
C LEU A 308 -22.84 13.17 -12.82
N THR A 309 -22.61 14.01 -13.83
CA THR A 309 -23.71 14.57 -14.61
C THR A 309 -24.59 13.55 -15.34
N PRO A 310 -24.12 12.35 -15.73
CA PRO A 310 -25.06 11.39 -16.36
C PRO A 310 -26.27 11.02 -15.52
N LEU A 311 -26.22 11.18 -14.20
CA LEU A 311 -27.31 10.71 -13.36
C LEU A 311 -28.45 11.72 -13.24
N ALA A 312 -28.22 12.99 -13.55
CA ALA A 312 -29.31 13.95 -13.65
C ALA A 312 -30.31 13.51 -14.73
N GLN A 313 -31.15 12.53 -14.40
CA GLN A 313 -32.02 11.90 -15.39
C GLN A 313 -33.42 11.64 -14.81
N SER A 318 -38.08 11.20 -11.74
CA SER A 318 -37.48 11.68 -10.50
C SER A 318 -36.97 10.52 -9.65
N TYR A 319 -35.84 10.73 -8.96
CA TYR A 319 -35.32 9.75 -8.00
C TYR A 319 -35.97 9.97 -6.65
N ILE A 320 -36.30 8.87 -6.00
CA ILE A 320 -37.14 8.87 -4.80
C ILE A 320 -36.68 7.72 -3.92
N SER A 321 -36.91 7.87 -2.63
CA SER A 321 -36.41 6.91 -1.66
C SER A 321 -37.35 6.92 -0.47
N ASP A 322 -37.78 5.74 -0.07
CA ASP A 322 -38.74 5.60 1.01
C ASP A 322 -38.08 5.90 2.35
N GLY A 323 -38.59 6.90 3.05
CA GLY A 323 -38.09 7.27 4.36
C GLY A 323 -38.95 6.72 5.49
N LYS A 324 -38.62 7.19 6.71
CA LYS A 324 -39.20 6.75 7.97
C LYS A 324 -40.72 6.63 7.86
N GLU A 325 -41.39 7.78 7.77
CA GLU A 325 -42.77 7.89 7.33
C GLU A 325 -42.87 8.97 6.27
N TYR A 326 -41.80 9.13 5.48
CA TYR A 326 -41.68 10.17 4.46
C TYR A 326 -41.24 9.55 3.14
N LEU A 327 -41.30 10.38 2.10
CA LEU A 327 -40.65 10.11 0.82
C LEU A 327 -39.69 11.25 0.52
N PHE A 328 -38.53 10.90 -0.02
CA PHE A 328 -37.53 11.87 -0.43
C PHE A 328 -37.51 11.95 -1.95
N TYR A 329 -37.44 13.16 -2.48
CA TYR A 329 -37.35 13.42 -3.91
C TYR A 329 -35.99 14.02 -4.17
N LEU A 330 -35.19 13.37 -5.02
CA LEU A 330 -33.83 13.81 -5.27
C LEU A 330 -33.64 14.08 -6.76
N ASN A 331 -33.08 15.25 -7.07
CA ASN A 331 -32.73 15.68 -8.43
C ASN A 331 -31.29 16.20 -8.33
N VAL A 332 -30.30 15.32 -8.43
CA VAL A 332 -28.92 15.75 -8.27
C VAL A 332 -28.40 16.31 -9.58
N CYS A 333 -27.62 17.39 -9.47
CA CYS A 333 -26.85 18.06 -10.52
C CYS A 333 -27.70 18.99 -11.40
N GLY A 334 -29.03 18.94 -11.34
CA GLY A 334 -29.89 19.82 -12.14
C GLY A 334 -31.30 19.81 -11.55
N GLU A 335 -32.14 20.71 -12.04
CA GLU A 335 -33.50 20.88 -11.52
C GLU A 335 -34.54 20.04 -12.25
N THR A 336 -34.16 19.42 -13.37
CA THR A 336 -35.03 18.55 -14.17
C THR A 336 -36.26 19.29 -14.68
N GLU A 337 -36.06 20.13 -15.70
CA GLU A 337 -37.14 20.89 -16.34
C GLU A 337 -36.71 21.32 -17.74
N LYS A 343 -39.40 28.06 -3.95
CA LYS A 343 -39.81 26.68 -3.76
C LYS A 343 -38.76 25.73 -4.34
N LYS A 344 -38.44 25.93 -5.61
CA LYS A 344 -37.42 25.12 -6.30
C LYS A 344 -36.03 25.46 -5.76
N GLN A 345 -35.00 25.20 -6.55
CA GLN A 345 -33.63 25.18 -6.05
C GLN A 345 -33.58 24.31 -4.79
N ALA A 346 -33.71 23.00 -5.03
CA ALA A 346 -33.81 22.04 -3.94
C ALA A 346 -33.49 20.67 -4.55
N ALA A 347 -32.28 20.18 -4.28
CA ALA A 347 -31.85 18.92 -4.85
C ALA A 347 -32.58 17.74 -4.22
N VAL A 348 -32.98 17.88 -2.96
CA VAL A 348 -33.66 16.82 -2.24
C VAL A 348 -34.79 17.43 -1.43
N CYS A 349 -35.98 16.86 -1.54
CA CYS A 349 -37.19 17.38 -0.94
C CYS A 349 -37.92 16.27 -0.21
N GLN A 350 -38.38 16.57 1.00
CA GLN A 350 -39.00 15.59 1.88
C GLN A 350 -40.50 15.82 1.97
N VAL A 351 -41.28 14.76 1.76
CA VAL A 351 -42.73 14.80 1.73
C VAL A 351 -43.25 13.74 2.70
N LYS A 352 -44.02 14.16 3.71
CA LYS A 352 -44.60 13.18 4.63
C LYS A 352 -45.70 12.40 3.93
N LYS A 353 -45.59 11.07 4.01
CA LYS A 353 -46.46 10.16 3.28
C LYS A 353 -47.93 10.27 3.68
N THR A 356 -50.96 15.56 5.50
CA THR A 356 -49.72 14.79 5.40
C THR A 356 -48.79 15.37 4.34
N SER A 357 -49.36 15.77 3.20
CA SER A 357 -48.54 16.33 2.13
C SER A 357 -48.04 17.74 2.47
N GLN A 358 -47.27 17.86 3.55
CA GLN A 358 -46.40 19.01 3.77
C GLN A 358 -44.95 18.62 3.43
N VAL A 359 -44.23 19.55 2.81
CA VAL A 359 -42.96 19.25 2.17
C VAL A 359 -41.89 20.20 2.68
N LYS A 360 -40.66 19.71 2.79
CA LYS A 360 -39.54 20.54 3.21
C LYS A 360 -38.33 20.24 2.34
N ALA A 361 -37.57 21.29 2.05
CA ALA A 361 -36.34 21.17 1.28
C ALA A 361 -35.22 20.67 2.18
N ALA A 362 -34.55 19.59 1.76
CA ALA A 362 -33.48 18.99 2.55
C ALA A 362 -32.09 19.34 2.03
N GLY A 363 -31.98 20.02 0.90
CA GLY A 363 -30.71 20.48 0.40
C GLY A 363 -30.84 21.15 -0.95
N ARG A 364 -30.02 22.17 -1.20
CA ARG A 364 -30.06 22.88 -2.47
C ARG A 364 -28.65 23.23 -2.94
N TYR A 365 -28.58 23.69 -4.18
CA TYR A 365 -27.31 23.98 -4.82
C TYR A 365 -26.56 25.13 -4.16
N HIS A 366 -27.22 25.96 -3.36
CA HIS A 366 -26.43 26.95 -2.64
C HIS A 366 -25.43 26.18 -1.78
N ASN A 367 -24.24 26.04 -2.35
CA ASN A 367 -23.20 25.13 -1.89
C ASN A 367 -23.64 23.67 -1.91
N GLN A 368 -23.19 22.97 -2.95
CA GLN A 368 -23.10 21.52 -2.98
C GLN A 368 -21.63 21.14 -3.03
N THR A 369 -21.28 19.99 -2.45
CA THR A 369 -19.88 19.60 -2.30
C THR A 369 -19.71 18.15 -2.73
N LEU A 370 -18.87 17.92 -3.73
CA LEU A 370 -18.55 16.58 -4.20
C LEU A 370 -17.13 16.25 -3.73
N ARG A 371 -17.00 15.19 -2.94
CA ARG A 371 -15.71 14.78 -2.40
C ARG A 371 -15.36 13.40 -2.94
N TYR A 372 -14.14 13.27 -3.46
CA TYR A 372 -13.47 11.99 -3.60
C TYR A 372 -12.41 11.96 -2.52
N SER A 373 -12.55 11.05 -1.57
CA SER A 373 -11.72 11.07 -0.37
C SER A 373 -11.25 9.64 -0.10
N ASP A 374 -10.06 9.30 -0.62
CA ASP A 374 -9.42 8.00 -0.43
C ASP A 374 -10.31 6.88 -0.94
N GLY A 375 -10.81 7.04 -2.16
CA GLY A 375 -11.68 6.07 -2.78
C GLY A 375 -13.16 6.24 -2.54
N ASP A 376 -13.57 7.16 -1.67
CA ASP A 376 -14.99 7.33 -1.32
C ASP A 376 -15.56 8.56 -2.01
N LEU A 377 -16.57 8.34 -2.86
CA LEU A 377 -17.31 9.41 -3.49
C LEU A 377 -18.52 9.79 -2.64
N THR A 378 -18.58 11.07 -2.23
CA THR A 378 -19.58 11.60 -1.31
C THR A 378 -20.06 12.98 -1.77
N LEU A 379 -21.38 13.19 -1.71
CA LEU A 379 -22.00 14.45 -2.16
C LEU A 379 -22.89 15.01 -1.05
N ILE A 380 -22.68 16.28 -0.71
CA ILE A 380 -23.46 16.96 0.31
C ILE A 380 -24.19 18.14 -0.30
N TYR A 381 -25.45 18.31 0.10
CA TYR A 381 -26.25 19.49 -0.24
C TYR A 381 -26.51 20.26 1.05
N PHE A 382 -25.99 21.49 1.11
CA PHE A 382 -25.91 22.22 2.37
C PHE A 382 -27.06 23.20 2.60
N GLY A 383 -28.01 23.32 1.66
CA GLY A 383 -29.06 24.30 1.81
C GLY A 383 -30.05 23.97 2.91
N GLY A 384 -31.25 23.54 2.53
CA GLY A 384 -32.18 22.94 3.48
C GLY A 384 -32.96 23.89 4.35
N ASP A 385 -34.23 23.55 4.59
CA ASP A 385 -35.07 24.31 5.52
C ASP A 385 -34.77 23.96 6.96
N GLU A 386 -34.73 24.97 7.81
CA GLU A 386 -34.49 24.76 9.23
C GLU A 386 -35.59 23.93 9.85
N CYS A 387 -35.21 22.96 10.67
CA CYS A 387 -36.18 22.08 11.30
C CYS A 387 -36.68 22.71 12.60
N SER A 388 -37.54 21.98 13.31
CA SER A 388 -38.07 22.50 14.57
C SER A 388 -36.95 22.73 15.56
N SER A 389 -35.94 21.87 15.57
CA SER A 389 -34.73 22.13 16.32
C SER A 389 -33.92 23.24 15.64
N GLY A 390 -32.78 23.59 16.23
CA GLY A 390 -31.97 24.64 15.63
C GLY A 390 -31.19 24.27 14.39
N PHE A 391 -31.42 23.10 13.81
CA PHE A 391 -30.61 22.62 12.69
C PHE A 391 -31.22 23.02 11.36
N GLN A 392 -30.36 23.33 10.39
CA GLN A 392 -30.77 23.60 9.02
C GLN A 392 -30.52 22.36 8.18
N ARG A 393 -31.57 21.85 7.54
CA ARG A 393 -31.53 20.53 6.92
C ARG A 393 -30.34 20.38 5.97
N MET A 394 -29.87 19.14 5.84
CA MET A 394 -28.63 18.80 5.15
C MET A 394 -28.79 17.39 4.61
N SER A 395 -28.19 17.14 3.45
CA SER A 395 -28.31 15.83 2.81
C SER A 395 -26.94 15.35 2.36
N VAL A 396 -26.65 14.07 2.62
CA VAL A 396 -25.34 13.45 2.37
C VAL A 396 -25.59 12.22 1.52
N ILE A 397 -24.98 12.18 0.33
CA ILE A 397 -25.08 11.02 -0.56
C ILE A 397 -23.73 10.35 -0.66
N ASN A 398 -23.68 9.07 -0.28
CA ASN A 398 -22.49 8.25 -0.41
C ASN A 398 -22.65 7.39 -1.66
N PHE A 399 -21.89 7.70 -2.70
CA PHE A 399 -21.96 6.92 -3.93
C PHE A 399 -21.10 5.67 -3.79
N GLU A 400 -21.65 4.54 -4.20
CA GLU A 400 -20.92 3.29 -4.31
C GLU A 400 -20.83 2.87 -5.77
N CYS A 401 -19.74 2.19 -6.09
CA CYS A 401 -19.47 1.71 -7.44
C CYS A 401 -20.23 0.40 -7.70
N ASN A 402 -21.04 0.38 -8.74
CA ASN A 402 -21.74 -0.84 -9.14
C ASN A 402 -21.93 -0.81 -10.65
N LYS A 403 -21.17 -1.64 -11.36
CA LYS A 403 -21.25 -1.64 -12.82
C LYS A 403 -22.59 -2.21 -13.29
N THR A 404 -23.14 -3.18 -12.58
CA THR A 404 -24.41 -3.80 -12.95
C THR A 404 -25.53 -3.33 -12.03
N ALA A 405 -25.60 -2.02 -11.80
CA ALA A 405 -26.41 -1.47 -10.71
C ALA A 405 -27.89 -1.72 -10.92
N GLY A 406 -28.42 -1.31 -12.05
CA GLY A 406 -29.84 -1.14 -12.25
C GLY A 406 -30.16 0.30 -12.64
N ASN A 407 -31.38 0.48 -13.15
CA ASN A 407 -31.77 1.75 -13.77
C ASN A 407 -30.79 2.05 -14.91
N ASP A 408 -30.63 1.04 -15.78
CA ASP A 408 -29.47 0.83 -16.65
C ASP A 408 -28.24 1.63 -16.23
N GLY A 409 -27.58 1.18 -15.16
CA GLY A 409 -26.34 1.75 -14.71
C GLY A 409 -26.48 2.93 -13.76
N LYS A 410 -27.56 3.70 -13.88
CA LYS A 410 -27.71 4.89 -13.05
C LYS A 410 -28.10 4.57 -11.62
N GLY A 411 -28.66 3.39 -11.34
CA GLY A 411 -29.05 3.02 -9.99
C GLY A 411 -30.06 3.98 -9.36
N THR A 412 -30.30 3.75 -8.07
CA THR A 412 -31.29 4.53 -7.33
C THR A 412 -30.88 4.73 -5.88
N PRO A 413 -31.06 5.93 -5.33
CA PRO A 413 -30.68 6.18 -3.94
C PRO A 413 -31.56 5.43 -2.95
N VAL A 414 -30.94 5.03 -1.85
CA VAL A 414 -31.60 4.39 -0.73
C VAL A 414 -31.39 5.27 0.48
N PHE A 415 -32.47 5.59 1.18
CA PHE A 415 -32.37 6.37 2.39
C PHE A 415 -31.82 5.48 3.49
N THR A 416 -30.85 5.98 4.24
CA THR A 416 -30.15 5.10 5.16
C THR A 416 -29.97 5.74 6.53
N GLY A 417 -30.85 6.65 6.90
CA GLY A 417 -30.81 7.19 8.25
C GLY A 417 -30.79 8.71 8.34
N GLU A 418 -31.15 9.22 9.50
CA GLU A 418 -31.20 10.66 9.72
C GLU A 418 -30.77 10.93 11.16
N VAL A 419 -30.06 12.04 11.36
CA VAL A 419 -29.63 12.48 12.68
C VAL A 419 -29.53 14.00 12.66
N ASP A 420 -30.13 14.65 13.66
CA ASP A 420 -30.21 16.11 13.74
C ASP A 420 -30.56 16.72 12.39
N CYS A 421 -31.45 16.06 11.67
CA CYS A 421 -31.98 16.54 10.39
C CYS A 421 -30.90 16.67 9.33
N THR A 422 -29.85 15.85 9.43
CA THR A 422 -29.03 15.50 8.29
C THR A 422 -29.49 14.14 7.79
N TYR A 423 -29.83 14.05 6.49
CA TYR A 423 -30.37 12.83 5.89
C TYR A 423 -29.33 12.15 5.01
N PHE A 424 -29.01 10.90 5.34
CA PHE A 424 -27.98 10.14 4.64
C PHE A 424 -28.58 9.19 3.63
N PHE A 425 -27.93 9.07 2.47
CA PHE A 425 -28.35 8.16 1.40
C PHE A 425 -27.13 7.45 0.82
N THR A 426 -27.34 6.22 0.34
CA THR A 426 -26.32 5.49 -0.39
C THR A 426 -26.86 5.18 -1.79
N TRP A 427 -25.96 5.23 -2.77
CA TRP A 427 -26.38 5.29 -4.18
C TRP A 427 -25.40 4.50 -5.04
N ASP A 428 -25.73 3.23 -5.31
CA ASP A 428 -24.98 2.46 -6.28
C ASP A 428 -25.19 3.00 -7.67
N THR A 429 -24.11 3.19 -8.42
CA THR A 429 -24.20 3.45 -9.85
C THR A 429 -22.85 3.16 -10.51
N GLU A 430 -22.91 2.87 -11.80
CA GLU A 430 -21.71 2.61 -12.57
C GLU A 430 -20.89 3.87 -12.80
N TYR A 431 -21.48 5.05 -12.63
CA TYR A 431 -20.73 6.28 -12.81
C TYR A 431 -20.00 6.70 -11.55
N ALA A 432 -20.02 5.87 -10.50
CA ALA A 432 -19.10 6.01 -9.38
C ALA A 432 -17.88 5.10 -9.51
N CYS A 433 -17.97 4.08 -10.36
CA CYS A 433 -16.86 3.16 -10.65
C CYS A 433 -15.82 3.89 -11.50
N VAL A 434 -14.92 4.61 -10.85
CA VAL A 434 -13.74 5.16 -11.52
C VAL A 434 -12.54 4.91 -10.60
N LYS A 435 -11.92 3.75 -10.78
CA LYS A 435 -10.83 3.25 -9.91
C LYS A 435 -9.65 2.90 -10.82
N GLU A 436 -8.76 3.86 -11.04
CA GLU A 436 -7.67 3.67 -11.96
C GLU A 436 -6.39 3.32 -11.23
N LYS A 437 -5.71 2.32 -11.76
CA LYS A 437 -4.33 1.99 -11.49
C LYS A 437 -3.42 2.84 -12.38
N GLU A 438 -2.13 2.84 -12.04
CA GLU A 438 -1.03 2.93 -13.00
C GLU A 438 0.30 2.74 -12.25
N ASP A 439 0.36 1.65 -11.50
CA ASP A 439 1.60 1.12 -10.95
C ASP A 439 2.21 0.21 -12.02
N LEU A 440 2.78 0.86 -13.02
CA LEU A 440 3.37 0.19 -14.18
C LEU A 440 4.73 -0.37 -13.79
N LEU A 441 4.89 -1.69 -13.88
CA LEU A 441 6.17 -2.31 -13.62
C LEU A 441 6.96 -2.45 -14.92
N CYS A 442 8.29 -2.47 -14.80
CA CYS A 442 9.12 -2.77 -15.96
C CYS A 442 9.61 -4.21 -15.96
N GLY A 443 8.75 -5.14 -15.54
CA GLY A 443 9.08 -6.55 -15.62
C GLY A 443 7.87 -7.37 -16.00
N ALA A 444 7.98 -8.69 -15.92
CA ALA A 444 6.86 -9.58 -16.20
C ALA A 444 7.19 -10.95 -15.65
N THR A 445 6.15 -11.72 -15.31
CA THR A 445 6.34 -13.04 -14.74
C THR A 445 5.47 -14.07 -15.47
N ASP A 446 5.78 -15.33 -15.22
CA ASP A 446 5.11 -16.46 -15.89
C ASP A 446 5.30 -17.65 -14.95
N GLY A 447 4.38 -17.79 -14.01
CA GLY A 447 4.64 -18.69 -12.90
C GLY A 447 5.71 -18.09 -12.02
N LYS A 448 6.75 -18.86 -11.74
CA LYS A 448 7.89 -18.37 -10.96
C LYS A 448 8.92 -17.64 -11.82
N LYS A 449 8.92 -17.87 -13.13
CA LYS A 449 9.83 -17.17 -14.02
C LYS A 449 9.54 -15.67 -14.02
N ARG A 450 10.58 -14.87 -13.81
CA ARG A 450 10.46 -13.42 -13.84
C ARG A 450 11.40 -12.81 -14.88
N TYR A 451 10.95 -11.71 -15.47
CA TYR A 451 11.73 -10.95 -16.45
C TYR A 451 11.75 -9.49 -16.01
N ASP A 452 12.80 -8.77 -16.40
CA ASP A 452 12.97 -7.38 -15.97
C ASP A 452 13.81 -6.66 -17.00
N LEU A 453 13.31 -5.51 -17.48
CA LEU A 453 13.96 -4.76 -18.54
C LEU A 453 14.74 -3.55 -18.02
N SER A 454 14.90 -3.43 -16.69
CA SER A 454 15.49 -2.24 -16.08
C SER A 454 16.85 -1.87 -16.66
N ALA A 455 17.59 -2.86 -17.16
CA ALA A 455 18.91 -2.57 -17.70
C ALA A 455 18.83 -1.70 -18.95
N LEU A 456 17.76 -1.82 -19.72
CA LEU A 456 17.60 -0.99 -20.91
C LEU A 456 17.20 0.43 -20.57
N VAL A 457 16.58 0.63 -19.40
CA VAL A 457 16.09 1.95 -19.01
C VAL A 457 17.23 2.95 -18.99
N ARG A 458 17.02 4.08 -19.66
CA ARG A 458 17.94 5.21 -19.62
C ARG A 458 17.16 6.41 -19.07
N HIS A 459 17.62 6.92 -17.93
CA HIS A 459 16.83 7.78 -17.06
C HIS A 459 17.59 9.07 -16.81
N ALA A 460 17.16 10.16 -17.45
CA ALA A 460 17.73 11.49 -17.28
C ALA A 460 19.26 11.45 -17.23
N GLU A 461 19.85 10.68 -18.13
CA GLU A 461 21.22 10.24 -17.97
C GLU A 461 22.20 11.28 -18.50
N PRO A 462 23.51 11.05 -18.33
CA PRO A 462 24.48 11.51 -19.33
C PRO A 462 24.52 10.59 -20.55
N GLU A 463 24.06 9.35 -20.39
CA GLU A 463 23.72 8.40 -21.45
C GLU A 463 22.87 9.04 -22.54
N GLN A 464 22.87 8.42 -23.73
CA GLN A 464 21.99 8.82 -24.81
C GLN A 464 20.70 8.00 -24.71
N ASN A 465 19.85 8.10 -25.73
CA ASN A 465 18.71 7.20 -25.88
C ASN A 465 19.14 5.96 -26.66
N TRP A 466 18.21 5.04 -26.88
CA TRP A 466 18.40 3.98 -27.86
C TRP A 466 17.97 4.47 -29.22
N GLU A 467 18.73 4.11 -30.25
CA GLU A 467 18.40 4.42 -31.64
C GLU A 467 18.35 3.13 -32.44
N ALA A 468 17.16 2.81 -32.97
CA ALA A 468 17.03 1.69 -33.88
C ALA A 468 17.66 2.06 -35.24
N VAL A 469 17.72 1.09 -36.15
CA VAL A 469 18.08 1.39 -37.54
C VAL A 469 17.19 0.60 -38.50
N LYS A 478 10.11 10.74 -34.84
CA LYS A 478 10.93 11.91 -35.15
C LYS A 478 12.19 11.51 -35.89
N LYS A 479 12.73 12.45 -36.69
CA LYS A 479 14.08 12.42 -37.27
C LYS A 479 14.69 11.03 -37.43
N HIS A 480 15.26 10.51 -36.36
CA HIS A 480 15.71 9.13 -36.25
C HIS A 480 14.88 8.44 -35.18
N PHE A 481 14.62 7.14 -35.36
CA PHE A 481 13.82 6.40 -34.38
C PHE A 481 14.58 6.30 -33.06
N PHE A 482 14.12 7.03 -32.04
CA PHE A 482 14.74 6.99 -30.71
C PHE A 482 13.78 6.33 -29.73
N ILE A 483 14.30 5.35 -28.97
CA ILE A 483 13.47 4.52 -28.09
C ILE A 483 14.05 4.53 -26.69
N ASN A 484 13.15 4.47 -25.70
CA ASN A 484 13.49 4.28 -24.30
C ASN A 484 12.51 3.28 -23.71
N ILE A 485 12.93 2.60 -22.65
CA ILE A 485 12.18 1.48 -22.08
C ILE A 485 11.60 1.91 -20.75
N CYS A 486 10.27 1.76 -20.62
CA CYS A 486 9.54 2.07 -19.39
C CYS A 486 9.95 3.43 -18.84
N HIS A 487 10.04 4.42 -19.74
CA HIS A 487 10.54 5.75 -19.41
C HIS A 487 10.36 6.67 -20.60
N ARG A 488 10.23 7.97 -20.33
CA ARG A 488 10.16 9.00 -21.35
C ARG A 488 11.47 9.08 -22.12
N VAL A 489 11.41 9.69 -23.31
CA VAL A 489 12.63 9.90 -24.08
C VAL A 489 13.51 10.92 -23.35
N LEU A 490 14.81 10.79 -23.54
CA LEU A 490 15.74 11.79 -23.04
C LEU A 490 15.94 12.88 -24.08
N GLN A 491 16.15 14.11 -23.59
CA GLN A 491 16.47 15.24 -24.46
C GLN A 491 17.98 15.30 -24.70
N GLU A 492 18.46 14.33 -25.48
CA GLU A 492 19.84 14.33 -25.97
C GLU A 492 19.95 14.82 -27.41
N GLY A 493 18.97 14.44 -28.25
CA GLY A 493 18.76 15.07 -29.52
C GLY A 493 17.41 15.75 -29.49
N LYS A 494 16.64 15.46 -28.43
CA LYS A 494 15.32 16.03 -28.16
C LYS A 494 14.27 15.52 -29.14
N ALA A 495 13.27 14.79 -28.65
CA ALA A 495 12.18 14.35 -29.51
C ALA A 495 10.90 15.14 -29.24
N ARG A 496 10.18 14.78 -28.18
CA ARG A 496 8.90 15.43 -27.87
C ARG A 496 8.67 15.23 -26.38
N GLY A 497 8.94 16.27 -25.59
CA GLY A 497 9.01 16.16 -24.15
C GLY A 497 7.79 15.65 -23.41
N CYS A 498 6.77 15.20 -24.14
CA CYS A 498 5.47 14.80 -23.56
C CYS A 498 5.02 15.69 -22.40
N ASN A 514 6.88 11.12 -34.10
CA ASN A 514 6.36 12.11 -33.18
C ASN A 514 5.67 11.46 -31.99
N LEU A 515 4.53 10.81 -32.23
CA LEU A 515 3.73 10.22 -31.14
C LEU A 515 4.51 9.05 -30.53
N GLY A 516 4.77 9.14 -29.23
CA GLY A 516 5.67 8.21 -28.55
C GLY A 516 5.09 7.35 -27.43
N LYS A 517 3.81 7.52 -27.11
CA LYS A 517 3.05 6.60 -26.27
C LYS A 517 3.61 6.62 -24.85
N PHE A 518 4.09 5.49 -24.31
CA PHE A 518 4.94 5.34 -23.11
C PHE A 518 4.13 4.98 -21.86
N ILE A 519 3.11 4.13 -22.01
CA ILE A 519 2.30 3.64 -20.89
C ILE A 519 2.30 2.11 -20.91
N SER A 520 1.57 1.53 -19.95
CA SER A 520 1.40 0.08 -19.81
C SER A 520 2.69 -0.69 -19.54
N SER A 521 2.56 -1.79 -18.76
CA SER A 521 3.64 -2.69 -18.40
C SER A 521 3.88 -3.74 -19.48
N PRO A 522 5.08 -4.33 -19.53
CA PRO A 522 5.36 -5.37 -20.54
C PRO A 522 4.76 -6.72 -20.18
N MET A 523 4.61 -7.55 -21.21
CA MET A 523 3.94 -8.84 -21.07
C MET A 523 4.72 -9.91 -21.82
N LYS A 524 4.54 -11.15 -21.38
CA LYS A 524 5.20 -12.29 -22.00
C LYS A 524 4.34 -12.75 -23.16
N GLU A 525 4.72 -12.34 -24.38
CA GLU A 525 4.04 -12.75 -25.60
C GLU A 525 4.43 -14.17 -26.01
N LYS A 526 4.26 -14.49 -27.29
CA LYS A 526 4.63 -15.80 -27.82
C LYS A 526 6.10 -16.11 -27.55
N GLY A 527 6.38 -16.64 -26.36
CA GLY A 527 7.73 -17.01 -25.99
C GLY A 527 8.70 -15.86 -25.81
N ASN A 528 8.27 -14.62 -25.99
CA ASN A 528 9.14 -13.46 -25.78
C ASN A 528 8.49 -12.44 -24.85
N ILE A 529 9.07 -11.25 -24.79
CA ILE A 529 8.53 -10.15 -24.02
C ILE A 529 8.05 -9.10 -24.99
N GLN A 530 6.81 -8.68 -24.84
CA GLN A 530 6.24 -7.67 -25.72
C GLN A 530 5.93 -6.41 -24.90
N LEU A 531 6.18 -5.27 -25.52
CA LEU A 531 6.03 -3.97 -24.88
C LEU A 531 5.13 -3.14 -25.79
N SER A 532 3.89 -2.92 -25.36
CA SER A 532 2.87 -2.21 -26.15
C SER A 532 2.88 -0.75 -25.74
N TYR A 533 3.51 0.09 -26.55
CA TYR A 533 3.44 1.53 -26.33
C TYR A 533 2.14 2.03 -26.96
N SER A 534 1.29 2.68 -26.15
CA SER A 534 -0.08 3.00 -26.54
C SER A 534 -0.28 4.50 -26.61
N ASP A 535 -1.01 4.94 -27.64
CA ASP A 535 -1.35 6.36 -27.78
C ASP A 535 -2.61 6.68 -26.99
N LYS A 546 0.57 3.77 -32.08
CA LYS A 546 0.96 2.66 -31.22
C LYS A 546 2.27 2.01 -31.70
N THR A 547 3.07 1.47 -30.78
CA THR A 547 4.30 0.74 -31.10
C THR A 547 4.34 -0.56 -30.31
N ASN A 548 4.43 -1.69 -31.02
CA ASN A 548 4.66 -2.99 -30.41
C ASN A 548 6.14 -3.32 -30.52
N ILE A 549 6.80 -3.51 -29.37
CA ILE A 549 8.22 -3.87 -29.32
C ILE A 549 8.35 -5.32 -28.85
N THR A 550 8.99 -6.15 -29.67
CA THR A 550 9.28 -7.54 -29.29
C THR A 550 10.74 -7.65 -28.90
N LEU A 551 10.99 -8.17 -27.70
CA LEU A 551 12.34 -8.32 -27.16
C LEU A 551 12.61 -9.80 -26.93
N VAL A 552 13.70 -10.28 -27.53
CA VAL A 552 14.02 -11.70 -27.65
C VAL A 552 15.25 -11.97 -26.77
N CYS A 553 15.20 -13.04 -25.99
CA CYS A 553 16.31 -13.30 -25.06
C CYS A 553 17.57 -13.64 -25.86
N LYS A 554 18.62 -12.85 -25.65
CA LYS A 554 19.94 -13.09 -26.25
C LYS A 554 20.96 -13.08 -25.12
N PRO A 555 21.21 -14.22 -24.51
CA PRO A 555 22.14 -14.29 -23.37
C PRO A 555 23.44 -13.54 -23.60
N GLY A 556 23.78 -12.67 -22.65
CA GLY A 556 25.00 -11.92 -22.67
C GLY A 556 24.93 -10.57 -23.36
N ASP A 557 24.00 -10.38 -24.30
CA ASP A 557 24.00 -9.17 -25.12
C ASP A 557 23.09 -8.11 -24.51
N LEU A 558 23.70 -7.09 -23.91
CA LEU A 558 22.97 -5.87 -23.58
C LEU A 558 23.42 -4.71 -24.46
N GLU A 559 24.41 -4.92 -25.32
CA GLU A 559 24.98 -3.83 -26.11
C GLU A 559 24.16 -3.49 -27.35
N SER A 560 23.37 -4.42 -27.88
CA SER A 560 22.73 -4.27 -29.19
C SER A 560 21.41 -3.52 -29.10
N ALA A 561 20.94 -3.06 -30.26
CA ALA A 561 19.86 -2.09 -30.39
C ALA A 561 18.63 -2.69 -31.09
N PRO A 562 17.48 -2.03 -30.96
CA PRO A 562 16.27 -2.50 -31.66
C PRO A 562 16.35 -2.28 -33.17
N VAL A 563 15.49 -2.99 -33.91
CA VAL A 563 15.57 -3.03 -35.37
C VAL A 563 14.22 -2.69 -36.02
N LEU A 564 14.30 -2.08 -37.22
CA LEU A 564 13.26 -1.84 -38.22
C LEU A 564 11.91 -2.56 -38.05
N ARG A 565 11.74 -3.63 -38.83
CA ARG A 565 10.54 -4.46 -39.04
C ARG A 565 9.34 -3.76 -39.72
N THR A 566 8.66 -2.80 -39.10
CA THR A 566 7.43 -2.33 -39.73
C THR A 566 7.14 -0.84 -39.52
N SER A 567 6.82 -0.17 -40.62
CA SER A 567 6.42 1.25 -40.63
C SER A 567 4.98 1.43 -40.18
N CYS A 572 0.21 4.04 -38.78
CA CYS A 572 -0.08 4.43 -37.40
C CYS A 572 0.30 3.31 -36.42
N PHE A 573 0.73 2.17 -36.97
CA PHE A 573 1.27 1.05 -36.21
C PHE A 573 2.77 0.98 -36.43
N TYR A 574 3.51 0.66 -35.37
CA TYR A 574 4.95 0.49 -35.43
C TYR A 574 5.36 -0.78 -34.71
N GLU A 575 6.41 -1.42 -35.20
CA GLU A 575 6.89 -2.64 -34.60
C GLU A 575 8.41 -2.63 -34.63
N PHE A 576 9.02 -2.95 -33.49
CA PHE A 576 10.46 -3.08 -33.39
C PHE A 576 10.79 -4.46 -32.82
N GLU A 577 11.97 -4.95 -33.15
CA GLU A 577 12.45 -6.21 -32.62
C GLU A 577 13.86 -6.02 -32.06
N TRP A 578 14.09 -6.58 -30.88
CA TRP A 578 15.27 -6.27 -30.08
C TRP A 578 15.74 -7.58 -29.46
N HIS A 579 17.00 -7.93 -29.67
CA HIS A 579 17.58 -9.09 -29.03
C HIS A 579 18.42 -8.60 -27.86
N THR A 580 18.09 -9.07 -26.66
CA THR A 580 18.68 -8.50 -25.46
C THR A 580 18.76 -9.56 -24.38
N ALA A 581 19.79 -9.47 -23.56
CA ALA A 581 19.84 -10.24 -22.33
C ALA A 581 18.76 -9.81 -21.34
N ALA A 582 18.23 -8.60 -21.48
CA ALA A 582 17.11 -8.17 -20.64
C ALA A 582 15.87 -9.02 -20.86
N ALA A 583 15.77 -9.71 -21.99
CA ALA A 583 14.62 -10.57 -22.26
C ALA A 583 14.83 -11.97 -21.73
N CYS A 584 15.88 -12.23 -20.97
CA CYS A 584 16.08 -13.56 -20.44
C CYS A 584 15.48 -13.68 -19.04
N VAL A 585 15.04 -14.91 -18.72
CA VAL A 585 14.52 -15.20 -17.38
C VAL A 585 15.62 -14.95 -16.34
N LEU A 586 15.22 -14.35 -15.23
CA LEU A 586 16.15 -14.03 -14.16
C LEU A 586 16.56 -15.27 -13.37
N SER A 587 17.81 -15.31 -12.92
CA SER A 587 18.30 -16.45 -12.15
C SER A 587 19.35 -15.98 -11.15
N LYS A 588 19.58 -16.81 -10.13
CA LYS A 588 20.50 -16.47 -9.05
C LYS A 588 21.94 -16.84 -9.41
N THR A 589 22.88 -15.92 -9.16
CA THR A 589 24.28 -16.17 -9.43
C THR A 589 25.11 -15.89 -8.18
N GLU A 590 26.32 -16.41 -8.18
CA GLU A 590 27.26 -16.21 -7.08
C GLU A 590 28.62 -15.83 -7.66
N GLY A 591 29.42 -15.14 -6.84
CA GLY A 591 30.75 -14.73 -7.23
C GLY A 591 31.63 -14.70 -6.00
N GLU A 592 32.92 -14.46 -6.24
CA GLU A 592 33.92 -14.36 -5.17
C GLU A 592 34.68 -13.06 -5.33
N ASN A 593 35.60 -12.81 -4.41
CA ASN A 593 36.39 -11.57 -4.41
C ASN A 593 35.50 -10.34 -4.51
N CYS A 594 34.37 -10.38 -3.80
CA CYS A 594 33.42 -9.28 -3.69
C CYS A 594 32.92 -8.81 -5.05
N THR A 595 32.76 -9.75 -5.98
CA THR A 595 32.17 -9.44 -7.25
C THR A 595 31.24 -10.59 -7.60
N VAL A 596 30.25 -10.33 -8.44
CA VAL A 596 29.36 -11.39 -8.89
C VAL A 596 28.99 -11.09 -10.33
N PHE A 597 29.07 -12.10 -11.19
CA PHE A 597 28.89 -11.92 -12.62
C PHE A 597 27.62 -12.63 -13.04
N ASP A 598 26.64 -11.86 -13.50
CA ASP A 598 25.41 -12.42 -14.06
C ASP A 598 25.68 -12.71 -15.52
N SER A 599 25.83 -13.98 -15.85
CA SER A 599 26.27 -14.32 -17.19
C SER A 599 25.14 -14.28 -18.22
N GLN A 600 23.91 -14.64 -17.83
CA GLN A 600 22.80 -14.51 -18.78
C GLN A 600 22.45 -13.04 -19.03
N ALA A 601 22.52 -12.21 -17.99
CA ALA A 601 22.56 -10.77 -18.21
C ALA A 601 23.96 -10.45 -18.74
N GLY A 602 24.28 -9.18 -18.90
CA GLY A 602 25.57 -8.89 -19.49
C GLY A 602 26.70 -8.53 -18.56
N PHE A 603 26.48 -8.43 -17.26
CA PHE A 603 27.35 -7.58 -16.45
C PHE A 603 27.68 -8.24 -15.11
N SER A 604 28.52 -7.55 -14.36
CA SER A 604 28.88 -7.96 -13.03
C SER A 604 28.74 -6.79 -12.08
N PHE A 605 28.46 -7.11 -10.83
CA PHE A 605 28.47 -6.14 -9.75
C PHE A 605 29.72 -6.35 -8.91
N ASP A 606 30.22 -5.26 -8.34
CA ASP A 606 31.48 -5.26 -7.60
C ASP A 606 31.30 -4.35 -6.41
N LEU A 607 31.21 -4.91 -5.20
CA LEU A 607 30.99 -4.09 -4.02
C LEU A 607 32.28 -3.75 -3.29
N SER A 608 33.44 -4.11 -3.84
CA SER A 608 34.72 -3.88 -3.16
C SER A 608 35.00 -2.44 -2.73
N PRO A 609 34.57 -1.39 -3.44
CA PRO A 609 34.83 -0.03 -2.91
C PRO A 609 34.30 0.18 -1.51
N LEU A 610 33.21 -0.49 -1.13
CA LEU A 610 32.66 -0.39 0.22
C LEU A 610 33.55 -1.07 1.27
N THR A 611 34.57 -1.82 0.86
CA THR A 611 35.37 -2.57 1.83
C THR A 611 36.30 -1.63 2.57
N LYS A 612 36.10 -1.51 3.88
CA LYS A 612 36.99 -0.74 4.73
C LYS A 612 38.26 -1.53 5.02
N LYS A 613 39.37 -0.79 5.17
CA LYS A 613 40.69 -1.40 5.39
C LYS A 613 40.94 -1.70 6.86
N ASN A 614 40.79 -0.70 7.74
CA ASN A 614 40.60 -0.94 9.17
C ASN A 614 39.12 -0.77 9.47
N GLY A 615 38.38 -1.87 9.34
CA GLY A 615 36.94 -1.82 9.14
C GLY A 615 36.21 -1.10 10.25
N ALA A 616 34.91 -0.89 9.96
CA ALA A 616 33.84 -0.57 10.91
C ALA A 616 32.78 0.28 10.26
N TYR A 617 31.68 -0.31 9.81
CA TYR A 617 30.44 0.44 9.68
C TYR A 617 29.69 0.25 10.99
N LYS A 618 29.41 1.35 11.68
CA LYS A 618 28.76 1.26 12.98
C LYS A 618 27.25 1.41 12.83
N VAL A 619 26.50 0.55 13.49
CA VAL A 619 25.05 0.53 13.39
C VAL A 619 24.49 0.50 14.81
N GLU A 620 23.94 1.63 15.25
CA GLU A 620 23.46 1.80 16.62
C GLU A 620 21.98 1.44 16.73
N THR A 621 21.65 0.59 17.69
CA THR A 621 20.26 0.33 18.07
C THR A 621 20.05 0.75 19.53
N LYS A 622 18.91 0.32 20.08
CA LYS A 622 18.59 0.62 21.48
C LYS A 622 19.68 0.11 22.41
N LYS A 623 19.94 -1.20 22.38
CA LYS A 623 20.87 -1.83 23.31
C LYS A 623 22.21 -2.20 22.70
N TYR A 624 22.34 -2.21 21.39
CA TYR A 624 23.53 -2.78 20.76
C TYR A 624 24.14 -1.80 19.79
N ASP A 625 25.44 -1.94 19.62
CA ASP A 625 26.14 -1.43 18.47
C ASP A 625 26.58 -2.61 17.66
N PHE A 626 26.27 -2.59 16.37
CA PHE A 626 26.81 -3.59 15.46
C PHE A 626 27.91 -2.93 14.65
N TYR A 627 28.98 -3.69 14.42
CA TYR A 627 30.04 -3.28 13.53
C TYR A 627 30.12 -4.32 12.44
N ILE A 628 30.08 -3.87 11.19
CA ILE A 628 30.14 -4.77 10.06
C ILE A 628 31.04 -4.16 9.00
N ASN A 629 31.57 -5.03 8.14
CA ASN A 629 32.31 -4.63 6.95
C ASN A 629 31.77 -5.41 5.76
N VAL A 630 32.07 -4.93 4.56
CA VAL A 630 31.71 -5.61 3.33
C VAL A 630 32.93 -6.36 2.83
N CYS A 631 32.86 -7.67 2.81
CA CYS A 631 33.83 -8.53 2.16
C CYS A 631 35.21 -8.45 2.79
N GLY A 632 35.26 -7.97 4.02
CA GLY A 632 36.45 -7.97 4.82
C GLY A 632 36.10 -7.95 6.29
N PRO A 633 37.09 -8.21 7.14
CA PRO A 633 36.82 -8.28 8.57
C PRO A 633 36.65 -6.89 9.17
N VAL A 634 36.06 -6.86 10.35
CA VAL A 634 35.84 -5.65 11.12
C VAL A 634 37.02 -5.48 12.04
N SER A 635 37.31 -4.23 12.44
CA SER A 635 38.50 -3.96 13.23
C SER A 635 38.18 -2.82 14.23
N VAL A 636 37.52 -3.17 15.34
CA VAL A 636 37.24 -2.22 16.41
C VAL A 636 37.43 -2.92 17.76
N SER A 637 37.72 -2.11 18.79
CA SER A 637 38.17 -2.40 20.15
C SER A 637 37.88 -3.85 20.60
N PRO A 638 36.59 -4.27 20.74
CA PRO A 638 36.33 -5.51 21.49
C PRO A 638 36.17 -6.73 20.60
N CYS A 639 35.88 -6.50 19.32
CA CYS A 639 35.57 -7.57 18.38
C CYS A 639 36.80 -8.42 18.07
N GLN A 640 36.54 -9.67 17.68
CA GLN A 640 37.56 -10.56 17.14
C GLN A 640 37.90 -10.16 15.70
N PRO A 641 39.19 -10.11 15.37
CA PRO A 641 39.61 -9.45 14.12
C PRO A 641 39.28 -10.21 12.85
N ASP A 642 38.51 -11.28 12.94
CA ASP A 642 38.17 -12.07 11.78
C ASP A 642 36.68 -12.03 11.42
N SER A 643 35.84 -11.45 12.27
CA SER A 643 34.43 -11.37 11.99
C SER A 643 34.14 -10.25 11.00
N GLY A 644 33.19 -10.49 10.11
CA GLY A 644 32.69 -9.45 9.25
C GLY A 644 31.54 -8.68 9.82
N ALA A 645 31.02 -9.14 10.97
CA ALA A 645 29.90 -8.54 11.65
C ALA A 645 30.00 -8.87 13.14
N CYS A 646 29.64 -7.90 13.99
CA CYS A 646 29.96 -7.99 15.40
C CYS A 646 28.96 -7.19 16.23
N GLN A 647 28.50 -7.79 17.33
CA GLN A 647 27.49 -7.21 18.20
C GLN A 647 28.08 -6.88 19.57
N VAL A 648 28.00 -5.61 19.96
CA VAL A 648 28.45 -5.15 21.27
C VAL A 648 27.26 -4.59 22.04
N ALA A 649 27.06 -5.07 23.27
CA ALA A 649 26.01 -4.54 24.12
C ALA A 649 26.42 -3.20 24.71
N LYS A 650 25.55 -2.20 24.58
CA LYS A 650 25.96 -0.84 24.92
C LYS A 650 26.12 -0.62 26.43
N SER A 651 25.50 -1.45 27.24
CA SER A 651 25.59 -1.30 28.70
C SER A 651 26.72 -2.09 29.31
N ASP A 652 27.07 -3.22 28.69
CA ASP A 652 27.95 -4.23 29.22
C ASP A 652 29.26 -4.35 28.44
N GLU A 653 29.23 -4.00 27.15
CA GLU A 653 30.31 -4.23 26.19
C GLU A 653 30.64 -5.73 26.04
N LYS A 654 29.77 -6.63 26.49
CA LYS A 654 29.87 -8.01 26.04
C LYS A 654 29.70 -8.04 24.53
N THR A 655 30.43 -8.92 23.87
CA THR A 655 30.51 -8.91 22.42
C THR A 655 30.27 -10.31 21.88
N TRP A 656 29.43 -10.39 20.85
CA TRP A 656 29.21 -11.60 20.08
C TRP A 656 29.77 -11.41 18.67
N ASN A 657 30.23 -12.50 18.09
CA ASN A 657 30.78 -12.52 16.74
C ASN A 657 29.67 -13.05 15.84
N LEU A 658 29.28 -12.26 14.86
CA LEU A 658 28.09 -12.60 14.09
C LEU A 658 28.40 -13.36 12.81
N GLY A 659 29.68 -13.63 12.54
CA GLY A 659 30.12 -14.54 11.52
C GLY A 659 31.43 -14.07 10.93
N LEU A 660 32.20 -15.01 10.38
CA LEU A 660 33.47 -14.68 9.76
C LEU A 660 33.24 -13.98 8.44
N SER A 661 34.11 -13.02 8.15
CA SER A 661 33.95 -12.30 6.89
C SER A 661 34.33 -13.20 5.72
N ASN A 662 33.81 -12.85 4.55
CA ASN A 662 34.13 -13.53 3.31
C ASN A 662 33.67 -12.61 2.20
N ALA A 663 33.98 -12.99 0.95
CA ALA A 663 33.77 -12.12 -0.19
C ALA A 663 32.96 -12.80 -1.30
N LYS A 664 32.00 -13.67 -0.92
CA LYS A 664 31.17 -14.37 -1.90
C LYS A 664 29.84 -13.61 -2.03
N LEU A 665 29.64 -12.96 -3.17
CA LEU A 665 28.41 -12.25 -3.42
C LEU A 665 27.37 -13.17 -4.06
N SER A 666 26.13 -12.97 -3.67
CA SER A 666 24.98 -13.58 -4.32
C SER A 666 24.27 -12.48 -5.07
N TYR A 667 23.58 -12.84 -6.16
CA TYR A 667 22.80 -11.83 -6.89
C TYR A 667 21.56 -12.46 -7.53
N TYR A 668 20.42 -11.84 -7.29
CA TYR A 668 19.15 -12.24 -7.90
C TYR A 668 18.23 -11.03 -7.93
N ASP A 669 17.72 -10.72 -9.11
CA ASP A 669 16.68 -9.72 -9.35
C ASP A 669 16.90 -8.46 -8.51
N GLY A 670 18.10 -7.88 -8.67
CA GLY A 670 18.42 -6.60 -8.08
C GLY A 670 18.84 -6.62 -6.63
N MET A 671 18.91 -7.80 -6.00
CA MET A 671 19.36 -7.96 -4.62
C MET A 671 20.72 -8.66 -4.62
N ILE A 672 21.71 -8.03 -3.99
CA ILE A 672 23.00 -8.66 -3.73
C ILE A 672 23.05 -9.09 -2.28
N GLN A 673 23.68 -10.24 -2.00
CA GLN A 673 23.66 -10.76 -0.64
C GLN A 673 25.03 -11.26 -0.18
N LEU A 674 25.29 -10.99 1.09
CA LEU A 674 26.47 -11.43 1.83
C LEU A 674 26.00 -12.24 3.03
N ASN A 675 26.66 -13.37 3.29
CA ASN A 675 26.31 -14.26 4.38
C ASN A 675 27.57 -14.63 5.18
N TYR A 676 27.73 -14.02 6.34
CA TYR A 676 28.80 -14.41 7.26
C TYR A 676 28.30 -15.54 8.13
N ARG A 677 29.12 -16.57 8.31
CA ARG A 677 28.65 -17.80 8.91
C ARG A 677 29.53 -18.35 10.01
N GLY A 678 30.69 -17.78 10.28
CA GLY A 678 31.51 -18.27 11.39
C GLY A 678 30.77 -18.28 12.72
N GLY A 679 30.81 -17.18 13.47
CA GLY A 679 29.80 -16.84 14.46
C GLY A 679 29.78 -17.60 15.77
N THR A 680 29.97 -16.88 16.87
CA THR A 680 29.84 -17.38 18.24
C THR A 680 28.67 -18.32 18.42
N PRO A 681 28.91 -19.53 18.91
CA PRO A 681 27.83 -20.51 19.08
C PRO A 681 26.78 -20.07 20.09
N TYR A 682 25.57 -20.62 19.93
CA TYR A 682 24.52 -20.46 20.94
C TYR A 682 24.67 -21.52 22.02
N ASN A 683 23.90 -21.37 23.08
CA ASN A 683 24.01 -22.21 24.27
C ASN A 683 23.15 -23.47 24.16
N ASN A 684 23.26 -24.21 23.07
CA ASN A 684 22.42 -25.40 22.91
C ASN A 684 23.21 -26.54 22.28
N GLU A 685 22.57 -27.72 22.28
CA GLU A 685 23.20 -28.95 21.82
C GLU A 685 23.57 -28.91 20.35
N ARG A 686 22.95 -28.03 19.57
CA ARG A 686 22.97 -28.14 18.12
C ARG A 686 24.23 -27.60 17.47
N HIS A 687 25.21 -27.11 18.24
CA HIS A 687 26.44 -26.50 17.74
C HIS A 687 26.18 -25.17 17.03
N THR A 688 24.92 -24.68 17.01
CA THR A 688 24.48 -23.66 16.06
C THR A 688 25.27 -22.36 16.19
N PRO A 689 26.12 -22.06 15.22
CA PRO A 689 26.82 -20.78 15.21
C PRO A 689 25.96 -19.66 14.63
N ARG A 690 26.28 -18.45 15.07
CA ARG A 690 25.60 -17.27 14.59
C ARG A 690 25.95 -17.00 13.12
N ALA A 691 25.06 -16.26 12.44
CA ALA A 691 25.26 -15.87 11.06
C ALA A 691 24.71 -14.47 10.82
N THR A 692 25.20 -13.85 9.76
CA THR A 692 24.83 -12.50 9.37
C THR A 692 24.46 -12.49 7.91
N LEU A 693 23.41 -11.75 7.59
CA LEU A 693 22.97 -11.52 6.23
C LEU A 693 23.02 -10.02 5.97
N ILE A 694 23.60 -9.63 4.85
CA ILE A 694 23.52 -8.25 4.39
C ILE A 694 22.91 -8.27 3.00
N THR A 695 21.71 -7.72 2.85
CA THR A 695 21.08 -7.57 1.56
C THR A 695 21.32 -6.15 1.05
N PHE A 696 21.98 -6.02 -0.09
CA PHE A 696 22.19 -4.73 -0.74
C PHE A 696 21.08 -4.51 -1.75
N LEU A 697 20.47 -3.34 -1.69
CA LEU A 697 19.33 -3.04 -2.53
C LEU A 697 19.63 -1.78 -3.35
N CYS A 698 19.13 -1.80 -4.58
CA CYS A 698 19.41 -0.74 -5.54
C CYS A 698 18.63 0.52 -5.19
N ASP A 699 19.36 1.61 -4.96
CA ASP A 699 18.80 2.95 -4.80
C ASP A 699 19.74 3.87 -5.57
N ARG A 700 19.27 4.35 -6.72
CA ARG A 700 20.15 4.99 -7.69
C ARG A 700 20.86 6.21 -7.11
N ASP A 701 20.20 6.95 -6.23
CA ASP A 701 20.77 8.20 -5.72
C ASP A 701 21.14 8.07 -4.23
N ALA A 702 21.21 6.83 -3.70
CA ALA A 702 21.63 6.64 -2.31
C ALA A 702 23.13 6.81 -2.14
N GLY A 703 23.90 6.60 -3.20
CA GLY A 703 25.34 6.64 -3.08
C GLY A 703 25.89 5.35 -2.50
N VAL A 704 26.92 5.45 -1.67
CA VAL A 704 27.40 4.21 -1.07
C VAL A 704 26.39 3.72 -0.04
N GLY A 705 25.71 4.63 0.65
CA GLY A 705 24.66 4.23 1.57
C GLY A 705 25.17 3.58 2.85
N PHE A 706 24.27 3.44 3.82
CA PHE A 706 24.60 2.93 5.12
C PHE A 706 23.80 1.67 5.42
N PRO A 707 24.38 0.70 6.12
CA PRO A 707 23.61 -0.46 6.57
C PRO A 707 22.58 -0.08 7.64
N GLU A 708 21.55 -0.92 7.74
CA GLU A 708 20.43 -0.73 8.66
C GLU A 708 20.01 -2.09 9.21
N TYR A 709 20.07 -2.23 10.53
CA TYR A 709 19.68 -3.47 11.17
C TYR A 709 18.19 -3.70 11.02
N GLN A 710 17.80 -4.94 10.76
CA GLN A 710 16.39 -5.32 10.73
C GLN A 710 16.03 -5.94 12.07
N GLU A 711 15.06 -5.37 12.76
CA GLU A 711 14.62 -5.94 14.03
C GLU A 711 13.88 -7.25 13.76
N GLU A 712 14.41 -8.34 14.33
CA GLU A 712 13.74 -9.63 14.31
C GLU A 712 13.61 -10.15 15.74
N ASP A 713 13.78 -11.45 15.93
CA ASP A 713 13.93 -12.01 17.27
C ASP A 713 15.35 -11.72 17.75
N ASN A 714 15.73 -12.33 18.87
CA ASN A 714 17.02 -12.04 19.48
C ASN A 714 18.19 -12.78 18.82
N SER A 715 17.93 -13.61 17.81
CA SER A 715 18.95 -14.50 17.27
C SER A 715 18.99 -14.48 15.74
N THR A 716 18.63 -13.36 15.12
CA THR A 716 18.67 -13.19 13.67
C THR A 716 19.32 -11.85 13.35
N TYR A 717 20.31 -11.87 12.46
CA TYR A 717 21.13 -10.67 12.23
C TYR A 717 21.08 -10.35 10.74
N ASN A 718 20.02 -9.67 10.34
CA ASN A 718 19.80 -9.24 8.97
C ASN A 718 20.02 -7.74 8.87
N PHE A 719 20.76 -7.32 7.85
CA PHE A 719 20.94 -5.91 7.55
C PHE A 719 20.48 -5.62 6.11
N ARG A 720 19.89 -4.44 5.94
CA ARG A 720 19.57 -3.89 4.64
C ARG A 720 20.49 -2.72 4.34
N TRP A 721 20.89 -2.59 3.06
CA TRP A 721 21.89 -1.60 2.65
C TRP A 721 21.48 -1.06 1.28
N TYR A 722 20.88 0.11 1.26
CA TYR A 722 20.50 0.74 0.00
C TYR A 722 21.70 1.46 -0.60
N THR A 723 22.07 1.08 -1.81
CA THR A 723 23.27 1.62 -2.39
C THR A 723 23.13 1.69 -3.91
N SER A 724 23.81 2.66 -4.52
CA SER A 724 23.87 2.72 -5.98
C SER A 724 24.65 1.56 -6.56
N TYR A 725 25.62 1.03 -5.81
CA TYR A 725 26.46 -0.05 -6.33
C TYR A 725 25.68 -1.31 -6.63
N ALA A 726 24.44 -1.41 -6.20
CA ALA A 726 23.57 -2.52 -6.58
C ALA A 726 22.74 -2.22 -7.81
N CYS A 727 22.84 -1.01 -8.35
CA CYS A 727 21.95 -0.66 -9.45
C CYS A 727 22.58 -1.01 -10.80
N PRO A 728 21.74 -1.35 -11.79
CA PRO A 728 22.26 -1.76 -13.12
C PRO A 728 23.06 -0.68 -13.85
N GLU A 729 23.85 0.10 -13.13
CA GLU A 729 24.98 0.80 -13.71
C GLU A 729 26.18 0.33 -12.92
N GLU A 730 26.78 -0.77 -13.41
CA GLU A 730 28.14 -1.13 -13.04
C GLU A 730 28.76 -2.10 -14.06
N ALA A 731 29.86 -2.72 -13.67
CA ALA A 731 30.88 -3.26 -14.56
C ALA A 731 30.41 -4.33 -15.55
C1 NAG B . 40.84 -13.02 -5.32
C2 NAG B . 40.98 -14.28 -6.17
C3 NAG B . 41.91 -15.23 -5.47
C4 NAG B . 43.27 -14.56 -5.37
C5 NAG B . 43.18 -13.24 -4.59
C6 NAG B . 44.46 -12.45 -4.62
C7 NAG B . 39.35 -15.29 -7.70
C8 NAG B . 40.32 -14.96 -8.80
N2 NAG B . 39.70 -14.93 -6.47
O3 NAG B . 41.96 -16.46 -6.17
O4 NAG B . 44.29 -15.43 -4.89
O5 NAG B . 42.16 -12.39 -5.16
O6 NAG B . 44.68 -11.72 -3.42
O7 NAG B . 38.29 -15.86 -7.93
C1 NAG B . 44.90 -15.63 -6.19
C2 NAG B . 46.32 -16.14 -6.17
C3 NAG B . 46.84 -16.18 -7.60
C4 NAG B . 45.94 -17.11 -8.41
C5 NAG B . 44.45 -16.73 -8.30
C6 NAG B . 43.54 -17.78 -8.89
C7 NAG B . 47.99 -15.91 -4.40
C8 NAG B . 48.83 -14.97 -3.58
N2 NAG B . 47.19 -15.35 -5.31
O3 NAG B . 48.19 -16.65 -7.63
O4 NAG B . 46.39 -17.27 -9.76
O5 NAG B . 44.06 -16.57 -6.93
O6 NAG B . 42.94 -18.58 -7.87
O7 NAG B . 48.04 -17.13 -4.24
C1 BMA B . 46.42 -16.33 -10.91
C2 BMA B . 45.01 -15.81 -11.38
C3 BMA B . 45.27 -15.87 -12.83
C4 BMA B . 46.32 -14.74 -13.21
C5 BMA B . 47.60 -14.77 -12.19
C6 BMA B . 48.51 -13.57 -12.24
O2 BMA B . 44.75 -14.46 -11.04
O3 BMA B . 44.08 -16.01 -13.67
O4 BMA B . 46.77 -14.90 -14.53
O5 BMA B . 47.21 -15.10 -10.78
O6 BMA B . 49.68 -13.98 -12.95
C1 MAN B . 43.77 -17.45 -13.75
C2 MAN B . 42.33 -17.63 -14.30
C3 MAN B . 41.65 -18.86 -13.65
C4 MAN B . 42.65 -19.99 -13.40
C5 MAN B . 43.69 -19.53 -12.38
C6 MAN B . 45.07 -20.20 -12.49
O2 MAN B . 42.34 -17.87 -15.71
O3 MAN B . 40.53 -19.34 -14.41
O4 MAN B . 41.95 -21.12 -12.90
O5 MAN B . 43.89 -18.10 -12.47
O6 MAN B . 44.94 -21.47 -13.10
#